data_7OAU
#
_entry.id   7OAU
#
_cell.length_a   28.810
_cell.length_b   153.730
_cell.length_c   75.850
_cell.angle_alpha   90.000
_cell.angle_beta   100.330
_cell.angle_gamma   90.000
#
_symmetry.space_group_name_H-M   'P 1 21 1'
#
loop_
_entity.id
_entity.type
_entity.pdbx_description
1 polymer 'Spike protein S1'
2 polymer C5
3 non-polymer 2-acetamido-2-deoxy-beta-D-glucopyranose
4 non-polymer GLYCEROL
5 water water
#
loop_
_entity_poly.entity_id
_entity_poly.type
_entity_poly.pdbx_seq_one_letter_code
_entity_poly.pdbx_strand_id
1 'polypeptide(L)'
;PNITNLCPFGEVFNATRFASVYAWNRKRISNCVADYSVLYNSASFSTFKCYGVSPTKLNDLCFTNVYADSFVIRGDEVRQ
IAPGQTGKIADYNYKLPDDFTGCVIAWNSNNLDSKVGGNYNYLYRLFRKSNLKPFERDISTEIYQAGSTPCNGVEGFNCY
FPLQSYGFQPTYGVGYQPYRVVVLSFELLHAPATVCGPKKSTNKHHHHHH
;
AAA,EEE
2 'polypeptide(L)'
;MAQVQLVESGGGSVQAGGSLTLSCVASGVTLGRHAIGWFRQAPGKERERVSCIRTFDGITSYVESTKGRFTISSNNAMNT
VYLQMNSLKPEDTAVYFCALGVTAACSDNPYFWGQGTQVTVSSHHHHHH
;
BBB,FFF
#
loop_
_chem_comp.id
_chem_comp.type
_chem_comp.name
_chem_comp.formula
GOL non-polymer GLYCEROL 'C3 H8 O3'
NAG D-saccharide, beta linking 2-acetamido-2-deoxy-beta-D-glucopyranose 'C8 H15 N O6'
#
# COMPACT_ATOMS: atom_id res chain seq x y z
N ASN A 5 -6.04 -3.05 6.81
CA ASN A 5 -5.82 -3.99 5.68
C ASN A 5 -6.75 -3.60 4.51
N LEU A 6 -6.21 -2.91 3.48
CA LEU A 6 -7.01 -2.23 2.42
C LEU A 6 -7.55 -3.25 1.41
N CYS A 7 -8.83 -3.17 1.05
CA CYS A 7 -9.45 -4.04 0.01
C CYS A 7 -8.72 -3.81 -1.30
N PRO A 8 -8.41 -4.89 -2.06
CA PRO A 8 -7.62 -4.77 -3.28
C PRO A 8 -8.44 -4.32 -4.50
N PHE A 9 -9.08 -3.15 -4.41
CA PHE A 9 -9.92 -2.58 -5.49
C PHE A 9 -9.02 -2.13 -6.64
N GLY A 10 -7.79 -1.68 -6.36
CA GLY A 10 -6.82 -1.34 -7.41
C GLY A 10 -6.67 -2.46 -8.43
N GLU A 11 -6.50 -3.70 -7.96
CA GLU A 11 -6.32 -4.90 -8.83
C GLU A 11 -7.55 -5.07 -9.73
N VAL A 12 -8.74 -4.67 -9.28
CA VAL A 12 -10.00 -4.82 -10.06
C VAL A 12 -10.12 -3.67 -11.07
N PHE A 13 -10.13 -2.42 -10.58
CA PHE A 13 -10.47 -1.24 -11.41
C PHE A 13 -9.33 -0.90 -12.37
N ASN A 14 -8.08 -1.21 -11.99
CA ASN A 14 -6.87 -0.76 -12.72
C ASN A 14 -6.17 -1.95 -13.39
N ALA A 15 -6.82 -3.13 -13.46
CA ALA A 15 -6.29 -4.31 -14.20
C ALA A 15 -5.96 -3.86 -15.63
N THR A 16 -4.80 -4.25 -16.16
CA THR A 16 -4.41 -3.90 -17.55
C THR A 16 -5.42 -4.50 -18.53
N ARG A 17 -5.76 -5.77 -18.33
CA ARG A 17 -6.68 -6.53 -19.22
C ARG A 17 -7.96 -6.85 -18.45
N PHE A 18 -9.08 -6.66 -19.12
CA PHE A 18 -10.42 -7.05 -18.62
C PHE A 18 -10.87 -8.30 -19.37
N ALA A 19 -11.80 -9.02 -18.76
CA ALA A 19 -12.45 -10.22 -19.31
C ALA A 19 -13.37 -9.86 -20.48
N SER A 20 -13.52 -10.77 -21.43
CA SER A 20 -14.70 -10.78 -22.32
C SER A 20 -15.94 -10.99 -21.44
N VAL A 21 -17.04 -10.30 -21.78
CA VAL A 21 -18.29 -10.34 -20.99
C VAL A 21 -18.78 -11.79 -20.87
N TYR A 22 -18.68 -12.61 -21.91
CA TYR A 22 -19.21 -14.00 -21.81
C TYR A 22 -18.42 -14.77 -20.75
N ALA A 23 -17.12 -14.45 -20.58
CA ALA A 23 -16.21 -15.11 -19.62
C ALA A 23 -15.90 -14.15 -18.47
N TRP A 24 -16.92 -13.44 -18.00
CA TRP A 24 -16.78 -12.34 -17.00
C TRP A 24 -15.99 -12.81 -15.76
N ASN A 25 -15.07 -11.94 -15.31
CA ASN A 25 -14.20 -12.22 -14.15
C ASN A 25 -14.97 -11.92 -12.85
N ARG A 26 -14.79 -12.77 -11.85
CA ARG A 26 -15.28 -12.49 -10.48
C ARG A 26 -14.10 -12.52 -9.50
N LYS A 27 -13.97 -11.46 -8.69
CA LYS A 27 -13.01 -11.44 -7.57
C LYS A 27 -13.79 -11.29 -6.27
N ARG A 28 -13.56 -12.18 -5.32
CA ARG A 28 -14.19 -12.10 -3.97
C ARG A 28 -13.32 -11.18 -3.12
N ILE A 29 -13.94 -10.17 -2.52
CA ILE A 29 -13.30 -9.17 -1.63
C ILE A 29 -13.76 -9.48 -0.19
N SER A 30 -12.81 -9.70 0.72
CA SER A 30 -13.16 -10.00 2.14
C SER A 30 -12.02 -9.60 3.08
N ASN A 31 -12.35 -9.50 4.37
CA ASN A 31 -11.37 -9.27 5.47
C ASN A 31 -10.54 -8.03 5.14
N CYS A 32 -11.21 -6.90 4.85
CA CYS A 32 -10.51 -5.68 4.42
C CYS A 32 -11.38 -4.44 4.62
N VAL A 33 -10.73 -3.29 4.60
CA VAL A 33 -11.36 -1.94 4.73
C VAL A 33 -11.41 -1.33 3.33
N ALA A 34 -12.58 -0.83 2.93
CA ALA A 34 -12.87 -0.26 1.60
C ALA A 34 -13.31 1.20 1.77
N ASP A 35 -12.68 2.14 1.07
CA ASP A 35 -13.17 3.55 0.97
C ASP A 35 -14.00 3.67 -0.32
N TYR A 36 -15.29 3.34 -0.24
CA TYR A 36 -16.25 3.40 -1.37
C TYR A 36 -16.48 4.86 -1.80
N SER A 37 -16.43 5.79 -0.85
CA SER A 37 -16.72 7.23 -1.09
C SER A 37 -15.74 7.79 -2.12
N VAL A 38 -14.48 7.35 -2.08
CA VAL A 38 -13.43 7.83 -3.03
C VAL A 38 -13.76 7.32 -4.43
N LEU A 39 -14.29 6.10 -4.57
CA LEU A 39 -14.79 5.58 -5.88
C LEU A 39 -16.02 6.39 -6.29
N TYR A 40 -16.98 6.55 -5.39
CA TYR A 40 -18.30 7.16 -5.71
C TYR A 40 -18.11 8.63 -6.12
N ASN A 41 -17.15 9.33 -5.51
CA ASN A 41 -16.92 10.78 -5.75
C ASN A 41 -15.84 10.98 -6.82
N SER A 42 -15.34 9.90 -7.44
CA SER A 42 -14.40 9.93 -8.58
C SER A 42 -15.10 10.51 -9.81
N ALA A 43 -14.41 11.35 -10.58
CA ALA A 43 -14.85 11.83 -11.91
C ALA A 43 -14.52 10.79 -13.00
N SER A 44 -13.89 9.67 -12.62
CA SER A 44 -13.41 8.63 -13.57
C SER A 44 -14.58 7.83 -14.16
N PHE A 45 -15.75 7.81 -13.53
CA PHE A 45 -16.86 6.87 -13.87
C PHE A 45 -18.03 7.61 -14.51
N SER A 46 -18.50 7.10 -15.66
CA SER A 46 -19.68 7.66 -16.37
C SER A 46 -20.97 7.00 -15.87
N THR A 47 -20.88 5.80 -15.28
CA THR A 47 -22.00 5.10 -14.60
C THR A 47 -21.55 4.73 -13.17
N PHE A 48 -22.38 5.05 -12.19
CA PHE A 48 -22.22 4.58 -10.79
C PHE A 48 -23.61 4.52 -10.19
N LYS A 49 -24.30 3.39 -10.40
CA LYS A 49 -25.73 3.21 -10.04
C LYS A 49 -25.83 2.08 -9.03
N CYS A 50 -26.40 2.36 -7.86
CA CYS A 50 -26.51 1.38 -6.77
C CYS A 50 -27.98 0.96 -6.63
N TYR A 51 -28.17 -0.30 -6.23
CA TYR A 51 -29.48 -0.96 -6.05
C TYR A 51 -29.49 -1.62 -4.66
N GLY A 52 -30.53 -1.38 -3.87
CA GLY A 52 -30.72 -1.99 -2.54
C GLY A 52 -29.85 -1.37 -1.45
N VAL A 53 -28.98 -0.41 -1.79
CA VAL A 53 -28.10 0.32 -0.82
C VAL A 53 -27.93 1.75 -1.32
N SER A 54 -27.74 2.71 -0.41
CA SER A 54 -27.35 4.10 -0.76
C SER A 54 -25.83 4.18 -0.86
N PRO A 55 -25.27 4.70 -1.97
CA PRO A 55 -23.82 4.83 -2.10
C PRO A 55 -23.23 5.76 -1.02
N THR A 56 -24.01 6.71 -0.49
CA THR A 56 -23.55 7.67 0.56
C THR A 56 -23.34 6.97 1.90
N LYS A 57 -23.92 5.79 2.10
CA LYS A 57 -23.84 5.04 3.39
C LYS A 57 -22.74 3.96 3.34
N LEU A 58 -22.15 3.67 2.17
CA LEU A 58 -21.31 2.46 2.00
C LEU A 58 -20.12 2.49 2.97
N ASN A 59 -19.55 3.66 3.25
CA ASN A 59 -18.39 3.73 4.18
C ASN A 59 -18.83 3.41 5.61
N ASP A 60 -20.13 3.39 5.90
CA ASP A 60 -20.65 3.14 7.28
C ASP A 60 -21.19 1.71 7.41
N LEU A 61 -20.99 0.86 6.39
CA LEU A 61 -21.59 -0.50 6.38
C LEU A 61 -20.50 -1.57 6.37
N CYS A 62 -20.85 -2.74 6.89
CA CYS A 62 -20.03 -3.97 6.86
C CYS A 62 -20.82 -5.05 6.13
N PHE A 63 -20.16 -5.79 5.25
CA PHE A 63 -20.77 -6.90 4.48
C PHE A 63 -20.00 -8.18 4.76
N THR A 64 -20.65 -9.32 4.56
CA THR A 64 -20.04 -10.65 4.78
C THR A 64 -19.04 -10.91 3.64
N ASN A 65 -19.33 -10.43 2.44
CA ASN A 65 -18.38 -10.44 1.28
C ASN A 65 -18.78 -9.35 0.30
N VAL A 66 -17.84 -8.93 -0.55
CA VAL A 66 -18.11 -8.13 -1.76
C VAL A 66 -17.58 -8.94 -2.94
N TYR A 67 -18.41 -9.18 -3.96
CA TYR A 67 -17.97 -9.79 -5.23
C TYR A 67 -17.80 -8.65 -6.23
N ALA A 68 -16.63 -8.57 -6.86
CA ALA A 68 -16.30 -7.60 -7.93
C ALA A 68 -16.24 -8.36 -9.25
N ASP A 69 -17.27 -8.19 -10.07
CA ASP A 69 -17.39 -8.79 -11.42
C ASP A 69 -16.90 -7.75 -12.42
N SER A 70 -16.13 -8.14 -13.42
CA SER A 70 -15.62 -7.14 -14.39
C SER A 70 -15.55 -7.73 -15.79
N PHE A 71 -15.72 -6.86 -16.77
CA PHE A 71 -15.78 -7.23 -18.20
C PHE A 71 -15.89 -5.96 -19.03
N VAL A 72 -15.79 -6.14 -20.35
CA VAL A 72 -15.95 -5.05 -21.35
C VAL A 72 -17.18 -5.35 -22.22
N ILE A 73 -17.94 -4.31 -22.51
CA ILE A 73 -19.09 -4.33 -23.44
C ILE A 73 -19.09 -3.01 -24.16
N ARG A 74 -20.06 -2.81 -25.05
CA ARG A 74 -20.24 -1.54 -25.78
C ARG A 74 -20.89 -0.51 -24.87
N GLY A 75 -20.60 0.78 -25.10
CA GLY A 75 -21.25 1.87 -24.37
C GLY A 75 -22.76 1.72 -24.36
N ASP A 76 -23.34 1.36 -25.50
CA ASP A 76 -24.81 1.33 -25.66
C ASP A 76 -25.37 0.05 -25.01
N GLU A 77 -24.54 -0.82 -24.43
CA GLU A 77 -25.01 -2.06 -23.74
C GLU A 77 -24.94 -1.89 -22.23
N VAL A 78 -24.29 -0.84 -21.73
CA VAL A 78 -24.12 -0.66 -20.26
C VAL A 78 -25.51 -0.61 -19.60
N ARG A 79 -26.51 -0.07 -20.29
CA ARG A 79 -27.92 0.00 -19.78
C ARG A 79 -28.43 -1.41 -19.47
N GLN A 80 -27.86 -2.47 -20.07
CA GLN A 80 -28.32 -3.86 -19.84
C GLN A 80 -27.79 -4.40 -18.51
N ILE A 81 -26.78 -3.75 -17.90
CA ILE A 81 -26.20 -4.20 -16.61
C ILE A 81 -27.00 -3.52 -15.50
N ALA A 82 -28.25 -3.96 -15.34
CA ALA A 82 -29.20 -3.47 -14.33
C ALA A 82 -30.24 -4.56 -14.10
N PRO A 83 -30.86 -4.62 -12.92
CA PRO A 83 -31.96 -5.56 -12.70
C PRO A 83 -33.08 -5.35 -13.73
N GLY A 84 -33.71 -6.44 -14.18
CA GLY A 84 -34.95 -6.42 -14.98
C GLY A 84 -34.71 -6.11 -16.46
N GLN A 85 -33.46 -6.09 -16.93
CA GLN A 85 -33.17 -5.70 -18.33
C GLN A 85 -33.16 -6.94 -19.24
N THR A 86 -33.30 -6.70 -20.54
CA THR A 86 -33.29 -7.73 -21.61
C THR A 86 -32.32 -7.26 -22.70
N GLY A 87 -31.93 -8.17 -23.59
CA GLY A 87 -30.96 -7.92 -24.66
C GLY A 87 -29.88 -8.98 -24.66
N LYS A 88 -29.01 -8.97 -25.67
CA LYS A 88 -28.01 -10.05 -25.85
C LYS A 88 -27.13 -10.14 -24.60
N ILE A 89 -26.78 -9.00 -23.99
CA ILE A 89 -25.83 -9.04 -22.83
C ILE A 89 -26.58 -9.55 -21.59
N ALA A 90 -27.72 -8.96 -21.24
CA ALA A 90 -28.50 -9.38 -20.06
C ALA A 90 -28.94 -10.85 -20.20
N ASP A 91 -29.36 -11.27 -21.41
CA ASP A 91 -29.99 -12.60 -21.63
C ASP A 91 -28.89 -13.66 -21.71
N TYR A 92 -27.79 -13.39 -22.40
CA TYR A 92 -26.86 -14.46 -22.82
C TYR A 92 -25.46 -14.32 -22.22
N ASN A 93 -25.13 -13.22 -21.53
CA ASN A 93 -23.72 -12.98 -21.12
C ASN A 93 -23.60 -12.72 -19.62
N TYR A 94 -24.32 -11.74 -19.08
CA TYR A 94 -24.23 -11.34 -17.66
C TYR A 94 -25.58 -10.79 -17.20
N LYS A 95 -26.18 -11.47 -16.22
CA LYS A 95 -27.56 -11.23 -15.76
C LYS A 95 -27.55 -10.87 -14.27
N LEU A 96 -28.08 -9.69 -13.94
CA LEU A 96 -28.31 -9.29 -12.54
C LEU A 96 -29.69 -9.78 -12.10
N PRO A 97 -29.84 -10.14 -10.81
CA PRO A 97 -31.13 -10.55 -10.27
C PRO A 97 -32.05 -9.35 -10.00
N ASP A 98 -33.36 -9.60 -9.89
CA ASP A 98 -34.35 -8.56 -9.55
C ASP A 98 -34.00 -7.93 -8.19
N ASP A 99 -33.55 -8.76 -7.23
CA ASP A 99 -33.31 -8.36 -5.81
C ASP A 99 -31.83 -7.97 -5.60
N PHE A 100 -31.17 -7.51 -6.65
CA PHE A 100 -29.72 -7.14 -6.65
C PHE A 100 -29.44 -6.12 -5.53
N THR A 101 -28.42 -6.40 -4.72
CA THR A 101 -27.82 -5.43 -3.75
C THR A 101 -26.38 -5.19 -4.17
N GLY A 102 -26.10 -4.01 -4.72
CA GLY A 102 -24.78 -3.70 -5.28
C GLY A 102 -24.77 -2.47 -6.14
N CYS A 103 -23.62 -2.20 -6.75
CA CYS A 103 -23.42 -0.99 -7.59
C CYS A 103 -22.84 -1.44 -8.93
N VAL A 104 -23.30 -0.80 -10.00
CA VAL A 104 -22.79 -0.99 -11.39
C VAL A 104 -21.97 0.25 -11.72
N ILE A 105 -20.69 0.03 -12.01
CA ILE A 105 -19.71 1.12 -12.23
C ILE A 105 -19.15 0.91 -13.64
N ALA A 106 -19.18 1.95 -14.47
CA ALA A 106 -18.64 1.83 -15.84
C ALA A 106 -17.89 3.09 -16.24
N TRP A 107 -16.93 2.92 -17.15
CA TRP A 107 -16.16 4.05 -17.73
C TRP A 107 -15.73 3.69 -19.15
N ASN A 108 -15.66 4.71 -19.99
CA ASN A 108 -15.21 4.60 -21.40
C ASN A 108 -13.76 4.12 -21.37
N SER A 109 -13.44 3.05 -22.09
CA SER A 109 -12.09 2.45 -22.15
C SER A 109 -11.54 2.45 -23.58
N ASN A 110 -11.99 3.39 -24.43
CA ASN A 110 -11.61 3.43 -25.87
C ASN A 110 -10.09 3.52 -25.99
N ASN A 111 -9.42 4.21 -25.09
CA ASN A 111 -7.95 4.47 -25.17
C ASN A 111 -7.18 3.19 -24.82
N LEU A 112 -7.75 2.29 -24.02
CA LEU A 112 -7.12 1.00 -23.60
C LEU A 112 -7.54 -0.14 -24.55
N ASP A 113 -8.81 -0.18 -24.95
CA ASP A 113 -9.43 -1.43 -25.46
C ASP A 113 -9.70 -1.40 -26.97
N SER A 114 -9.48 -0.28 -27.63
CA SER A 114 -9.51 -0.22 -29.13
CA SER A 114 -9.51 -0.21 -29.13
C SER A 114 -8.08 -0.01 -29.63
N LYS A 115 -7.82 -0.39 -30.87
CA LYS A 115 -6.51 -0.17 -31.51
C LYS A 115 -6.72 -0.05 -33.01
N VAL A 116 -5.73 0.53 -33.69
CA VAL A 116 -5.69 0.64 -35.18
C VAL A 116 -5.85 -0.77 -35.76
N GLY A 117 -6.79 -0.94 -36.69
CA GLY A 117 -7.11 -2.25 -37.30
C GLY A 117 -8.16 -2.99 -36.49
N GLY A 118 -8.55 -2.45 -35.33
CA GLY A 118 -9.59 -3.01 -34.47
C GLY A 118 -9.00 -3.93 -33.41
N ASN A 119 -9.57 -3.91 -32.21
CA ASN A 119 -9.25 -4.90 -31.16
C ASN A 119 -10.32 -5.99 -31.20
N TYR A 120 -9.97 -7.18 -31.66
CA TYR A 120 -10.91 -8.30 -31.86
C TYR A 120 -10.90 -9.26 -30.66
N ASN A 121 -10.12 -8.95 -29.62
CA ASN A 121 -9.92 -9.84 -28.45
C ASN A 121 -11.21 -10.01 -27.63
N TYR A 122 -12.07 -8.99 -27.56
CA TYR A 122 -13.28 -8.97 -26.71
C TYR A 122 -14.42 -9.63 -27.47
N LEU A 123 -15.03 -10.65 -26.85
CA LEU A 123 -16.12 -11.46 -27.42
C LEU A 123 -17.39 -11.29 -26.59
N TYR A 124 -18.50 -11.65 -27.21
CA TYR A 124 -19.82 -11.73 -26.55
C TYR A 124 -20.51 -12.97 -27.10
N ARG A 125 -21.43 -13.53 -26.32
CA ARG A 125 -22.29 -14.63 -26.79
C ARG A 125 -23.51 -14.00 -27.47
N LEU A 126 -23.79 -14.40 -28.71
CA LEU A 126 -24.90 -13.85 -29.53
C LEU A 126 -26.09 -14.82 -29.54
N PHE A 127 -25.85 -16.11 -29.34
CA PHE A 127 -26.89 -17.17 -29.45
C PHE A 127 -26.86 -18.07 -28.21
N ARG A 128 -28.04 -18.39 -27.70
CA ARG A 128 -28.20 -19.37 -26.58
C ARG A 128 -29.62 -19.91 -26.61
N LYS A 129 -29.81 -21.16 -26.20
CA LYS A 129 -31.14 -21.82 -26.24
C LYS A 129 -32.05 -21.26 -25.13
N SER A 130 -31.48 -20.65 -24.10
CA SER A 130 -32.25 -20.08 -22.97
C SER A 130 -31.47 -18.94 -22.34
N ASN A 131 -32.15 -18.10 -21.56
CA ASN A 131 -31.53 -16.96 -20.85
C ASN A 131 -30.70 -17.48 -19.68
N LEU A 132 -29.61 -16.80 -19.36
CA LEU A 132 -28.82 -17.03 -18.14
C LEU A 132 -29.70 -16.79 -16.91
N LYS A 133 -29.44 -17.56 -15.86
CA LYS A 133 -29.91 -17.24 -14.49
C LYS A 133 -29.02 -16.11 -13.97
N PRO A 134 -29.47 -15.34 -12.96
CA PRO A 134 -28.63 -14.29 -12.38
C PRO A 134 -27.26 -14.86 -11.92
N PHE A 135 -26.19 -14.18 -12.31
CA PHE A 135 -24.78 -14.49 -11.94
C PHE A 135 -24.36 -15.85 -12.51
N GLU A 136 -25.07 -16.36 -13.52
CA GLU A 136 -24.62 -17.55 -14.28
C GLU A 136 -23.53 -17.10 -15.26
N ARG A 137 -22.51 -17.94 -15.42
CA ARG A 137 -21.46 -17.77 -16.44
C ARG A 137 -21.51 -18.96 -17.39
N ASP A 138 -21.53 -18.69 -18.68
CA ASP A 138 -21.52 -19.75 -19.73
C ASP A 138 -20.28 -19.52 -20.58
N ILE A 139 -19.31 -20.45 -20.55
CA ILE A 139 -18.09 -20.35 -21.41
C ILE A 139 -18.06 -21.48 -22.44
N SER A 140 -19.19 -22.15 -22.67
CA SER A 140 -19.32 -23.25 -23.65
C SER A 140 -19.26 -22.67 -25.07
N THR A 141 -18.89 -23.50 -26.04
CA THR A 141 -18.77 -23.10 -27.47
C THR A 141 -19.39 -24.20 -28.34
N GLU A 142 -20.53 -24.73 -27.93
CA GLU A 142 -21.33 -25.70 -28.71
C GLU A 142 -21.91 -24.96 -29.92
N ILE A 143 -21.92 -25.60 -31.08
CA ILE A 143 -22.52 -24.99 -32.30
C ILE A 143 -24.02 -24.84 -32.03
N TYR A 144 -24.53 -23.63 -32.23
CA TYR A 144 -25.95 -23.28 -31.99
C TYR A 144 -26.76 -23.59 -33.25
N GLN A 145 -27.80 -24.39 -33.08
CA GLN A 145 -28.73 -24.73 -34.19
C GLN A 145 -29.70 -23.58 -34.41
N ALA A 146 -29.56 -22.87 -35.53
CA ALA A 146 -30.37 -21.67 -35.87
C ALA A 146 -31.36 -22.00 -36.99
N GLY A 147 -31.43 -23.24 -37.45
CA GLY A 147 -32.31 -23.67 -38.54
C GLY A 147 -32.98 -24.98 -38.19
N SER A 148 -33.64 -25.61 -39.16
CA SER A 148 -34.43 -26.83 -38.94
C SER A 148 -33.53 -28.07 -39.00
N THR A 149 -32.27 -27.92 -39.40
CA THR A 149 -31.33 -29.05 -39.65
CA THR A 149 -31.34 -29.06 -39.65
C THR A 149 -30.37 -29.21 -38.47
N PRO A 150 -30.17 -30.44 -37.95
CA PRO A 150 -29.18 -30.63 -36.89
C PRO A 150 -27.78 -30.25 -37.37
N CYS A 151 -26.97 -29.70 -36.48
CA CYS A 151 -25.61 -29.22 -36.83
C CYS A 151 -24.58 -30.35 -36.67
N ASN A 152 -24.80 -31.28 -35.73
CA ASN A 152 -23.85 -32.40 -35.47
C ASN A 152 -22.46 -31.82 -35.17
N GLY A 153 -22.42 -30.66 -34.51
CA GLY A 153 -21.19 -30.00 -34.05
C GLY A 153 -20.43 -29.33 -35.18
N VAL A 154 -21.05 -29.14 -36.36
CA VAL A 154 -20.34 -28.53 -37.52
C VAL A 154 -20.81 -27.10 -37.72
N GLU A 155 -19.87 -26.15 -37.66
CA GLU A 155 -20.16 -24.72 -37.98
C GLU A 155 -20.48 -24.63 -39.46
N GLY A 156 -21.61 -24.03 -39.82
CA GLY A 156 -22.02 -23.94 -41.23
C GLY A 156 -23.34 -23.21 -41.37
N PHE A 157 -24.01 -23.42 -42.49
CA PHE A 157 -25.30 -22.77 -42.81
C PHE A 157 -26.26 -23.03 -41.65
N ASN A 158 -26.75 -21.96 -41.01
CA ASN A 158 -27.73 -21.99 -39.89
C ASN A 158 -27.18 -22.77 -38.69
N CYS A 159 -25.85 -22.88 -38.58
CA CYS A 159 -25.14 -23.65 -37.54
C CYS A 159 -24.00 -22.77 -37.03
N TYR A 160 -24.28 -22.00 -35.98
CA TYR A 160 -23.44 -20.85 -35.58
C TYR A 160 -22.53 -21.18 -34.40
N PHE A 161 -21.26 -20.81 -34.55
CA PHE A 161 -20.39 -20.64 -33.37
C PHE A 161 -21.02 -19.54 -32.53
N PRO A 162 -21.22 -19.73 -31.21
CA PRO A 162 -22.08 -18.84 -30.45
C PRO A 162 -21.44 -17.52 -29.99
N LEU A 163 -20.11 -17.40 -30.11
CA LEU A 163 -19.35 -16.20 -29.70
C LEU A 163 -18.95 -15.40 -30.92
N GLN A 164 -19.04 -14.08 -30.80
CA GLN A 164 -18.57 -13.17 -31.87
C GLN A 164 -17.71 -12.07 -31.25
N SER A 165 -16.91 -11.45 -32.09
CA SER A 165 -15.97 -10.38 -31.68
C SER A 165 -16.63 -9.02 -31.87
N TYR A 166 -16.44 -8.12 -30.90
CA TYR A 166 -16.82 -6.69 -31.02
C TYR A 166 -15.98 -5.99 -32.10
N GLY A 167 -14.72 -6.37 -32.30
CA GLY A 167 -13.83 -5.68 -33.25
C GLY A 167 -13.81 -4.17 -33.02
N PHE A 168 -13.51 -3.74 -31.80
CA PHE A 168 -13.52 -2.32 -31.40
C PHE A 168 -12.52 -1.51 -32.24
N GLN A 169 -13.05 -0.54 -33.00
CA GLN A 169 -12.29 0.41 -33.86
C GLN A 169 -12.24 1.75 -33.14
N PRO A 170 -11.07 2.42 -33.04
CA PRO A 170 -10.97 3.64 -32.23
C PRO A 170 -11.88 4.77 -32.73
N THR A 171 -12.30 4.68 -34.00
CA THR A 171 -13.12 5.68 -34.72
C THR A 171 -14.61 5.36 -34.56
N TYR A 172 -14.95 4.25 -33.91
CA TYR A 172 -16.34 3.92 -33.50
C TYR A 172 -16.94 5.14 -32.79
N GLY A 173 -18.24 5.42 -33.01
CA GLY A 173 -19.01 6.36 -32.16
C GLY A 173 -19.13 5.87 -30.72
N VAL A 174 -19.46 6.74 -29.77
CA VAL A 174 -19.41 6.46 -28.30
C VAL A 174 -20.26 5.21 -27.96
N GLY A 175 -21.42 5.03 -28.58
CA GLY A 175 -22.28 3.85 -28.33
C GLY A 175 -21.58 2.53 -28.65
N TYR A 176 -20.64 2.52 -29.60
CA TYR A 176 -19.96 1.27 -30.05
C TYR A 176 -18.62 1.13 -29.33
N GLN A 177 -18.16 2.17 -28.63
CA GLN A 177 -16.81 2.13 -27.98
C GLN A 177 -16.85 1.19 -26.79
N PRO A 178 -15.68 0.60 -26.43
CA PRO A 178 -15.61 -0.29 -25.29
C PRO A 178 -15.77 0.51 -23.99
N TYR A 179 -16.55 -0.05 -23.07
CA TYR A 179 -16.68 0.41 -21.66
C TYR A 179 -16.21 -0.73 -20.77
N ARG A 180 -15.39 -0.40 -19.79
CA ARG A 180 -15.06 -1.32 -18.69
C ARG A 180 -16.16 -1.17 -17.64
N VAL A 181 -16.61 -2.32 -17.13
CA VAL A 181 -17.71 -2.42 -16.16
C VAL A 181 -17.19 -3.20 -14.95
N VAL A 182 -17.44 -2.65 -13.76
CA VAL A 182 -17.25 -3.37 -12.47
C VAL A 182 -18.60 -3.39 -11.78
N VAL A 183 -19.07 -4.59 -11.46
CA VAL A 183 -20.31 -4.77 -10.67
C VAL A 183 -19.87 -5.22 -9.27
N LEU A 184 -20.20 -4.42 -8.26
CA LEU A 184 -19.96 -4.79 -6.85
C LEU A 184 -21.26 -5.38 -6.32
N SER A 185 -21.23 -6.65 -5.91
CA SER A 185 -22.32 -7.34 -5.18
C SER A 185 -22.00 -7.32 -3.69
N PHE A 186 -22.93 -6.84 -2.86
CA PHE A 186 -22.79 -6.78 -1.38
C PHE A 186 -23.62 -7.90 -0.75
N GLU A 187 -22.94 -8.82 -0.07
CA GLU A 187 -23.57 -9.98 0.59
C GLU A 187 -23.85 -9.62 2.06
N LEU A 188 -25.07 -9.94 2.54
CA LEU A 188 -25.61 -9.57 3.88
C LEU A 188 -26.09 -10.83 4.61
N LEU A 189 -25.28 -11.89 4.71
CA LEU A 189 -25.65 -13.12 5.47
C LEU A 189 -25.74 -12.74 6.96
N HIS A 190 -26.52 -13.50 7.75
CA HIS A 190 -26.53 -13.41 9.23
C HIS A 190 -25.26 -14.11 9.73
N ALA A 191 -24.12 -13.45 9.56
CA ALA A 191 -22.77 -13.96 9.86
C ALA A 191 -21.86 -12.78 10.16
N PRO A 192 -20.65 -13.02 10.70
CA PRO A 192 -19.67 -11.94 10.87
C PRO A 192 -19.43 -11.22 9.54
N ALA A 193 -19.42 -9.89 9.56
CA ALA A 193 -19.25 -9.05 8.35
C ALA A 193 -17.85 -8.44 8.37
N THR A 194 -17.02 -8.86 7.43
CA THR A 194 -15.54 -8.70 7.44
C THR A 194 -15.07 -7.68 6.39
N VAL A 195 -15.97 -7.19 5.52
CA VAL A 195 -15.66 -6.09 4.57
C VAL A 195 -16.39 -4.83 5.03
N CYS A 196 -15.64 -3.84 5.50
CA CYS A 196 -16.19 -2.62 6.14
C CYS A 196 -15.58 -1.37 5.52
N GLY A 197 -16.26 -0.24 5.68
CA GLY A 197 -15.70 1.09 5.40
C GLY A 197 -14.60 1.44 6.39
N PRO A 198 -13.94 2.61 6.24
CA PRO A 198 -12.82 3.01 7.10
C PRO A 198 -13.19 3.16 8.59
N GLN B 3 -33.77 -14.14 -45.64
CA GLN B 3 -32.48 -14.85 -45.84
C GLN B 3 -31.34 -13.83 -45.67
N VAL B 4 -30.12 -14.31 -45.55
CA VAL B 4 -28.90 -13.45 -45.65
C VAL B 4 -28.93 -12.67 -46.97
N GLN B 5 -28.62 -11.39 -46.93
CA GLN B 5 -28.41 -10.54 -48.13
C GLN B 5 -27.09 -9.78 -47.95
N LEU B 6 -26.36 -9.60 -49.05
CA LEU B 6 -25.15 -8.74 -49.08
C LEU B 6 -25.46 -7.53 -49.95
N VAL B 7 -25.52 -6.35 -49.34
CA VAL B 7 -25.86 -5.08 -50.04
C VAL B 7 -24.55 -4.42 -50.46
N GLU B 8 -24.26 -4.37 -51.77
CA GLU B 8 -23.02 -3.74 -52.29
C GLU B 8 -23.29 -2.31 -52.75
N SER B 9 -22.30 -1.44 -52.61
CA SER B 9 -22.36 -0.06 -53.14
CA SER B 9 -22.35 -0.06 -53.17
C SER B 9 -20.93 0.37 -53.54
N GLY B 10 -20.84 1.45 -54.30
CA GLY B 10 -19.54 1.97 -54.77
C GLY B 10 -19.25 1.46 -56.17
N GLY B 11 -18.04 1.70 -56.65
CA GLY B 11 -17.67 1.23 -57.99
C GLY B 11 -18.23 2.14 -59.07
N GLY B 12 -18.16 1.70 -60.32
CA GLY B 12 -18.44 2.54 -61.50
C GLY B 12 -17.15 2.80 -62.25
N SER B 13 -17.00 3.99 -62.83
CA SER B 13 -15.90 4.36 -63.74
C SER B 13 -14.83 5.17 -62.99
N VAL B 14 -13.57 4.95 -63.32
CA VAL B 14 -12.42 5.74 -62.80
C VAL B 14 -11.29 5.66 -63.83
N GLN B 15 -10.43 6.66 -63.91
CA GLN B 15 -9.27 6.61 -64.85
C GLN B 15 -8.16 5.81 -64.16
N ALA B 16 -7.27 5.21 -64.95
CA ALA B 16 -6.11 4.44 -64.44
C ALA B 16 -5.30 5.32 -63.49
N GLY B 17 -4.85 4.74 -62.38
CA GLY B 17 -4.11 5.43 -61.29
C GLY B 17 -5.04 5.96 -60.22
N GLY B 18 -6.35 5.98 -60.49
CA GLY B 18 -7.39 6.48 -59.57
C GLY B 18 -7.72 5.47 -58.50
N SER B 19 -8.64 5.85 -57.60
CA SER B 19 -9.11 5.01 -56.46
C SER B 19 -10.63 4.90 -56.49
N LEU B 20 -11.12 3.78 -55.96
CA LEU B 20 -12.55 3.55 -55.68
C LEU B 20 -12.64 2.87 -54.32
N THR B 21 -13.75 3.07 -53.62
CA THR B 21 -14.11 2.34 -52.39
C THR B 21 -15.42 1.60 -52.61
N LEU B 22 -15.38 0.27 -52.47
CA LEU B 22 -16.56 -0.60 -52.46
C LEU B 22 -16.98 -0.80 -51.01
N SER B 23 -18.27 -0.92 -50.77
CA SER B 23 -18.84 -1.24 -49.46
C SER B 23 -19.75 -2.45 -49.63
N CYS B 24 -19.79 -3.28 -48.61
CA CYS B 24 -20.68 -4.44 -48.51
C CYS B 24 -21.29 -4.47 -47.11
N VAL B 25 -22.61 -4.39 -47.03
CA VAL B 25 -23.37 -4.49 -45.77
C VAL B 25 -24.05 -5.87 -45.75
N ALA B 26 -23.80 -6.62 -44.70
CA ALA B 26 -24.47 -7.93 -44.48
C ALA B 26 -25.78 -7.66 -43.76
N SER B 27 -26.84 -8.36 -44.16
CA SER B 27 -28.08 -8.43 -43.35
C SER B 27 -28.48 -9.90 -43.19
N GLY B 28 -29.12 -10.21 -42.07
CA GLY B 28 -29.57 -11.57 -41.72
C GLY B 28 -28.48 -12.36 -41.03
N VAL B 29 -27.34 -11.72 -40.84
CA VAL B 29 -26.14 -12.25 -40.15
C VAL B 29 -25.47 -11.03 -39.51
N THR B 30 -24.83 -11.23 -38.35
CA THR B 30 -24.10 -10.18 -37.62
C THR B 30 -22.61 -10.45 -37.82
N LEU B 31 -21.86 -9.48 -38.33
CA LEU B 31 -20.38 -9.63 -38.50
C LEU B 31 -19.75 -9.78 -37.11
N GLY B 32 -18.66 -10.56 -37.04
CA GLY B 32 -17.93 -10.84 -35.79
C GLY B 32 -17.56 -12.30 -35.66
N ARG B 33 -18.04 -13.18 -36.53
CA ARG B 33 -17.55 -14.58 -36.53
C ARG B 33 -17.02 -14.96 -37.89
N HIS B 34 -17.72 -14.59 -38.96
CA HIS B 34 -17.47 -15.16 -40.31
C HIS B 34 -16.39 -14.42 -41.09
N ALA B 35 -15.79 -15.17 -42.01
CA ALA B 35 -14.93 -14.65 -43.09
C ALA B 35 -15.81 -13.96 -44.13
N ILE B 36 -15.47 -12.75 -44.50
CA ILE B 36 -16.20 -11.99 -45.55
C ILE B 36 -15.16 -11.30 -46.42
N GLY B 37 -15.43 -11.19 -47.71
CA GLY B 37 -14.44 -10.62 -48.63
C GLY B 37 -15.01 -10.35 -50.00
N TRP B 38 -14.09 -10.15 -50.93
CA TRP B 38 -14.40 -9.78 -52.33
CA TRP B 38 -14.41 -9.78 -52.33
C TRP B 38 -13.79 -10.79 -53.29
N PHE B 39 -14.53 -11.10 -54.34
CA PHE B 39 -14.11 -11.83 -55.54
C PHE B 39 -14.31 -10.86 -56.70
N ARG B 40 -13.70 -11.15 -57.85
CA ARG B 40 -13.96 -10.36 -59.07
C ARG B 40 -13.96 -11.29 -60.28
N GLN B 41 -14.65 -10.87 -61.32
CA GLN B 41 -14.69 -11.62 -62.59
C GLN B 41 -14.43 -10.61 -63.70
N ALA B 42 -13.21 -10.64 -64.24
CA ALA B 42 -12.77 -9.79 -65.36
C ALA B 42 -13.18 -10.47 -66.66
N PRO B 43 -13.37 -9.70 -67.75
CA PRO B 43 -13.72 -10.31 -69.05
C PRO B 43 -12.73 -11.43 -69.41
N GLY B 44 -13.28 -12.59 -69.78
CA GLY B 44 -12.51 -13.75 -70.28
C GLY B 44 -11.74 -14.48 -69.20
N LYS B 45 -11.99 -14.16 -67.92
CA LYS B 45 -11.29 -14.80 -66.77
C LYS B 45 -12.32 -15.41 -65.82
N GLU B 46 -11.93 -16.49 -65.16
CA GLU B 46 -12.74 -17.13 -64.11
C GLU B 46 -12.82 -16.18 -62.93
N ARG B 47 -13.94 -16.22 -62.21
CA ARG B 47 -14.10 -15.49 -60.92
C ARG B 47 -12.94 -15.87 -60.00
N GLU B 48 -12.35 -14.88 -59.33
CA GLU B 48 -11.13 -15.11 -58.50
C GLU B 48 -11.23 -14.31 -57.20
N ARG B 49 -10.55 -14.81 -56.18
CA ARG B 49 -10.38 -14.11 -54.88
C ARG B 49 -9.69 -12.78 -55.11
N VAL B 50 -10.13 -11.75 -54.39
CA VAL B 50 -9.46 -10.43 -54.32
C VAL B 50 -8.93 -10.24 -52.89
N SER B 51 -9.79 -10.31 -51.89
CA SER B 51 -9.38 -9.98 -50.51
C SER B 51 -10.41 -10.56 -49.54
N CYS B 52 -9.96 -10.89 -48.32
CA CYS B 52 -10.86 -11.46 -47.30
C CYS B 52 -10.44 -10.94 -45.94
N ILE B 53 -11.42 -10.77 -45.05
CA ILE B 53 -11.14 -10.49 -43.62
C ILE B 53 -11.90 -11.49 -42.75
N ARG B 54 -11.21 -12.02 -41.75
CA ARG B 54 -11.82 -12.85 -40.69
C ARG B 54 -12.43 -11.88 -39.67
N THR B 55 -13.75 -11.75 -39.59
CA THR B 55 -14.37 -10.75 -38.68
C THR B 55 -14.28 -11.24 -37.24
N PHE B 56 -13.82 -12.47 -36.98
CA PHE B 56 -13.63 -12.97 -35.59
C PHE B 56 -12.34 -12.41 -34.99
N ASP B 57 -11.31 -12.21 -35.79
CA ASP B 57 -9.97 -11.83 -35.25
C ASP B 57 -9.27 -10.77 -36.10
N GLY B 58 -9.93 -10.22 -37.13
CA GLY B 58 -9.43 -9.05 -37.88
C GLY B 58 -8.34 -9.37 -38.90
N ILE B 59 -7.94 -10.64 -39.05
CA ILE B 59 -6.79 -11.03 -39.92
C ILE B 59 -7.24 -10.96 -41.38
N THR B 60 -6.48 -10.21 -42.18
CA THR B 60 -6.79 -9.95 -43.61
C THR B 60 -5.89 -10.79 -44.51
N SER B 61 -6.38 -11.05 -45.73
CA SER B 61 -5.65 -11.83 -46.76
C SER B 61 -5.93 -11.21 -48.13
N TYR B 62 -4.93 -11.32 -49.02
CA TYR B 62 -4.93 -10.71 -50.37
C TYR B 62 -4.34 -11.72 -51.35
N VAL B 63 -4.60 -11.53 -52.63
CA VAL B 63 -3.94 -12.33 -53.70
C VAL B 63 -2.80 -11.46 -54.25
N GLU B 64 -1.85 -12.07 -54.96
CA GLU B 64 -0.61 -11.39 -55.43
C GLU B 64 -0.94 -10.12 -56.21
N SER B 65 -2.00 -10.11 -57.01
CA SER B 65 -2.36 -8.97 -57.91
C SER B 65 -3.00 -7.82 -57.13
N THR B 66 -3.39 -8.02 -55.87
CA THR B 66 -4.15 -7.02 -55.06
C THR B 66 -3.35 -6.54 -53.84
N LYS B 67 -2.38 -7.34 -53.33
CA LYS B 67 -1.53 -6.96 -52.17
C LYS B 67 -1.00 -5.54 -52.37
N GLY B 68 -1.02 -4.72 -51.32
CA GLY B 68 -0.45 -3.36 -51.30
C GLY B 68 -1.41 -2.31 -51.84
N ARG B 69 -1.94 -2.51 -53.05
CA ARG B 69 -2.82 -1.56 -53.78
C ARG B 69 -4.21 -1.54 -53.12
N PHE B 70 -4.71 -2.70 -52.72
CA PHE B 70 -6.07 -2.83 -52.13
C PHE B 70 -5.95 -3.02 -50.63
N THR B 71 -6.92 -2.49 -49.87
CA THR B 71 -7.01 -2.64 -48.40
C THR B 71 -8.44 -3.02 -48.04
N ILE B 72 -8.62 -4.17 -47.39
CA ILE B 72 -9.94 -4.58 -46.84
C ILE B 72 -9.97 -4.22 -45.34
N SER B 73 -11.13 -3.84 -44.85
CA SER B 73 -11.36 -3.49 -43.42
CA SER B 73 -11.37 -3.46 -43.43
C SER B 73 -12.80 -3.82 -43.06
N SER B 74 -13.07 -4.04 -41.77
CA SER B 74 -14.41 -4.36 -41.25
C SER B 74 -14.78 -3.32 -40.20
N ASN B 75 -16.07 -2.96 -40.15
CA ASN B 75 -16.70 -2.31 -38.99
C ASN B 75 -17.75 -3.28 -38.50
N ASN B 76 -17.38 -4.16 -37.57
CA ASN B 76 -18.31 -5.22 -37.10
C ASN B 76 -19.59 -4.58 -36.59
N ALA B 77 -19.51 -3.49 -35.81
CA ALA B 77 -20.68 -2.82 -35.19
C ALA B 77 -21.68 -2.41 -36.28
N MET B 78 -21.21 -1.99 -37.45
CA MET B 78 -22.06 -1.47 -38.55
CA MET B 78 -22.06 -1.47 -38.54
C MET B 78 -22.31 -2.57 -39.57
N ASN B 79 -21.79 -3.78 -39.33
CA ASN B 79 -22.03 -4.94 -40.21
C ASN B 79 -21.56 -4.65 -41.64
N THR B 80 -20.48 -3.88 -41.79
CA THR B 80 -20.03 -3.36 -43.10
C THR B 80 -18.56 -3.73 -43.29
N VAL B 81 -18.22 -4.18 -44.49
CA VAL B 81 -16.81 -4.35 -44.93
C VAL B 81 -16.55 -3.41 -46.09
N TYR B 82 -15.30 -2.98 -46.22
CA TYR B 82 -14.88 -1.97 -47.21
C TYR B 82 -13.71 -2.51 -48.00
N LEU B 83 -13.69 -2.24 -49.30
CA LEU B 83 -12.51 -2.51 -50.14
C LEU B 83 -12.03 -1.18 -50.72
N GLN B 84 -10.91 -0.69 -50.21
CA GLN B 84 -10.22 0.52 -50.73
CA GLN B 84 -10.23 0.51 -50.73
C GLN B 84 -9.30 0.07 -51.88
N MET B 85 -9.59 0.52 -53.10
CA MET B 85 -8.84 0.12 -54.31
CA MET B 85 -8.84 0.12 -54.32
C MET B 85 -8.06 1.33 -54.84
N ASN B 86 -6.74 1.32 -54.65
CA ASN B 86 -5.83 2.42 -55.07
C ASN B 86 -5.04 1.97 -56.31
N SER B 87 -4.48 2.92 -57.06
CA SER B 87 -3.55 2.64 -58.19
C SER B 87 -4.20 1.66 -59.17
N LEU B 88 -5.47 1.90 -59.51
CA LEU B 88 -6.27 1.01 -60.38
C LEU B 88 -5.70 0.99 -61.80
N LYS B 89 -5.79 -0.17 -62.44
CA LYS B 89 -5.28 -0.44 -63.80
C LYS B 89 -6.46 -0.89 -64.66
N PRO B 90 -6.41 -0.71 -66.00
CA PRO B 90 -7.47 -1.19 -66.89
C PRO B 90 -7.82 -2.66 -66.62
N GLU B 91 -6.79 -3.49 -66.33
CA GLU B 91 -6.95 -4.95 -66.09
C GLU B 91 -7.69 -5.21 -64.77
N ASP B 92 -7.92 -4.20 -63.93
CA ASP B 92 -8.77 -4.31 -62.70
C ASP B 92 -10.25 -4.19 -63.08
N THR B 93 -10.57 -3.88 -64.34
CA THR B 93 -11.96 -3.82 -64.84
C THR B 93 -12.60 -5.20 -64.65
N ALA B 94 -13.72 -5.27 -63.94
CA ALA B 94 -14.34 -6.54 -63.52
C ALA B 94 -15.66 -6.25 -62.81
N VAL B 95 -16.49 -7.27 -62.67
CA VAL B 95 -17.60 -7.27 -61.68
C VAL B 95 -16.98 -7.73 -60.36
N TYR B 96 -17.17 -6.94 -59.31
CA TYR B 96 -16.67 -7.22 -57.94
C TYR B 96 -17.85 -7.72 -57.13
N PHE B 97 -17.70 -8.89 -56.49
CA PHE B 97 -18.74 -9.54 -55.69
C PHE B 97 -18.31 -9.59 -54.23
N CYS B 98 -19.16 -9.11 -53.33
CA CYS B 98 -19.07 -9.36 -51.88
C CYS B 98 -19.45 -10.83 -51.69
N ALA B 99 -18.73 -11.53 -50.82
CA ALA B 99 -18.94 -12.97 -50.56
C ALA B 99 -18.70 -13.25 -49.08
N LEU B 100 -19.63 -13.99 -48.48
CA LEU B 100 -19.65 -14.26 -47.03
C LEU B 100 -19.57 -15.78 -46.84
N GLY B 101 -18.65 -16.23 -45.98
CA GLY B 101 -18.53 -17.65 -45.63
C GLY B 101 -19.49 -18.00 -44.51
N VAL B 102 -19.61 -19.30 -44.23
CA VAL B 102 -20.35 -19.85 -43.08
C VAL B 102 -19.36 -20.37 -42.02
N THR B 103 -18.06 -20.08 -42.17
CA THR B 103 -17.04 -20.38 -41.14
C THR B 103 -16.21 -19.13 -40.85
N ALA B 104 -15.29 -19.23 -39.90
CA ALA B 104 -14.39 -18.12 -39.53
C ALA B 104 -13.23 -18.02 -40.52
N ALA B 105 -12.98 -19.04 -41.36
CA ALA B 105 -11.73 -19.14 -42.15
C ALA B 105 -11.90 -18.50 -43.53
N CYS B 106 -11.01 -17.57 -43.86
CA CYS B 106 -10.94 -16.92 -45.20
C CYS B 106 -10.51 -17.94 -46.25
N SER B 107 -9.81 -19.01 -45.85
CA SER B 107 -9.35 -20.07 -46.77
C SER B 107 -10.53 -20.95 -47.22
N ASP B 108 -11.67 -20.90 -46.52
CA ASP B 108 -12.87 -21.69 -46.90
C ASP B 108 -13.62 -21.01 -48.05
N ASN B 109 -14.45 -21.77 -48.76
CA ASN B 109 -15.22 -21.32 -49.93
C ASN B 109 -16.34 -20.39 -49.45
N PRO B 110 -16.67 -19.30 -50.16
CA PRO B 110 -17.81 -18.48 -49.79
C PRO B 110 -19.13 -19.24 -50.00
N TYR B 111 -20.13 -18.86 -49.23
CA TYR B 111 -21.47 -19.48 -49.25
C TYR B 111 -22.48 -18.51 -49.84
N PHE B 112 -22.44 -17.25 -49.40
CA PHE B 112 -23.40 -16.19 -49.82
C PHE B 112 -22.69 -15.21 -50.75
N TRP B 113 -23.37 -14.80 -51.83
CA TRP B 113 -22.80 -13.91 -52.86
C TRP B 113 -23.66 -12.65 -53.03
N GLY B 114 -23.02 -11.49 -53.18
CA GLY B 114 -23.69 -10.28 -53.67
C GLY B 114 -24.00 -10.38 -55.16
N GLN B 115 -24.81 -9.47 -55.67
CA GLN B 115 -25.24 -9.48 -57.10
C GLN B 115 -24.06 -9.04 -57.97
N GLY B 116 -23.12 -8.32 -57.40
CA GLY B 116 -21.90 -7.85 -58.10
C GLY B 116 -22.01 -6.39 -58.49
N THR B 117 -20.88 -5.69 -58.49
CA THR B 117 -20.80 -4.26 -58.88
CA THR B 117 -20.78 -4.26 -58.86
C THR B 117 -19.73 -4.08 -59.96
N GLN B 118 -20.09 -3.42 -61.05
CA GLN B 118 -19.16 -3.14 -62.16
C GLN B 118 -18.15 -2.09 -61.70
N VAL B 119 -16.87 -2.39 -61.90
CA VAL B 119 -15.73 -1.41 -61.85
C VAL B 119 -15.12 -1.36 -63.25
N THR B 120 -15.07 -0.17 -63.84
CA THR B 120 -14.46 0.04 -65.17
C THR B 120 -13.33 1.07 -65.01
N VAL B 121 -12.10 0.63 -65.27
CA VAL B 121 -10.88 1.50 -65.23
C VAL B 121 -10.46 1.82 -66.67
N SER B 122 -10.54 3.11 -67.05
CA SER B 122 -10.18 3.57 -68.42
C SER B 122 -8.66 3.80 -68.50
N SER B 123 -8.06 3.46 -69.64
CA SER B 123 -6.62 3.69 -69.93
C SER B 123 -6.40 5.16 -70.28
N HIS B 124 -5.16 5.63 -70.11
CA HIS B 124 -4.69 6.96 -70.56
C HIS B 124 -4.26 6.85 -72.02
N ASN C 5 29.36 11.23 -6.63
CA ASN C 5 29.01 12.11 -5.47
C ASN C 5 28.51 11.22 -4.31
N LEU C 6 29.35 10.96 -3.30
CA LEU C 6 29.12 9.91 -2.27
C LEU C 6 28.12 10.40 -1.21
N CYS C 7 27.12 9.57 -0.86
CA CYS C 7 26.12 9.90 0.19
C CYS C 7 26.84 10.12 1.52
N PRO C 8 26.48 11.17 2.29
CA PRO C 8 27.18 11.48 3.55
C PRO C 8 26.75 10.60 4.73
N PHE C 9 26.89 9.29 4.60
CA PHE C 9 26.55 8.32 5.68
C PHE C 9 27.56 8.45 6.83
N GLY C 10 28.81 8.83 6.55
CA GLY C 10 29.81 9.11 7.59
C GLY C 10 29.27 10.04 8.68
N GLU C 11 28.64 11.15 8.27
CA GLU C 11 28.11 12.19 9.18
C GLU C 11 27.04 11.58 10.09
N VAL C 12 26.31 10.58 9.61
CA VAL C 12 25.21 9.91 10.38
C VAL C 12 25.82 8.88 11.32
N PHE C 13 26.54 7.89 10.79
CA PHE C 13 27.01 6.72 11.56
C PHE C 13 28.12 7.11 12.53
N ASN C 14 28.93 8.11 12.20
CA ASN C 14 30.16 8.46 12.95
C ASN C 14 30.02 9.81 13.65
N ALA C 15 28.81 10.36 13.77
CA ALA C 15 28.54 11.58 14.56
C ALA C 15 29.11 11.38 15.98
N THR C 16 29.77 12.39 16.51
CA THR C 16 30.38 12.33 17.86
CA THR C 16 30.38 12.33 17.86
C THR C 16 29.27 12.13 18.91
N ARG C 17 28.21 12.92 18.80
CA ARG C 17 27.05 12.84 19.73
C ARG C 17 25.81 12.46 18.93
N PHE C 18 24.94 11.66 19.55
CA PHE C 18 23.64 11.23 18.99
C PHE C 18 22.53 11.98 19.74
N ALA C 19 21.36 12.01 19.12
CA ALA C 19 20.12 12.60 19.68
C ALA C 19 19.58 11.74 20.81
N SER C 20 18.92 12.38 21.79
CA SER C 20 17.93 11.67 22.64
C SER C 20 16.83 11.12 21.75
N VAL C 21 16.37 9.91 22.05
CA VAL C 21 15.32 9.22 21.27
C VAL C 21 14.06 10.09 21.18
N TYR C 22 13.64 10.80 22.23
CA TYR C 22 12.40 11.60 22.14
C TYR C 22 12.57 12.71 21.09
N ALA C 23 13.81 13.22 20.93
CA ALA C 23 14.15 14.30 19.98
C ALA C 23 14.99 13.73 18.83
N TRP C 24 14.59 12.57 18.33
CA TRP C 24 15.36 11.78 17.34
C TRP C 24 15.73 12.65 16.12
N ASN C 25 16.97 12.51 15.67
CA ASN C 25 17.53 13.27 14.53
C ASN C 25 17.08 12.61 13.22
N ARG C 26 16.70 13.42 12.25
CA ARG C 26 16.47 12.96 10.86
C ARG C 26 17.39 13.71 9.91
N LYS C 27 18.12 12.96 9.07
CA LYS C 27 18.90 13.53 7.95
C LYS C 27 18.33 12.98 6.65
N ARG C 28 17.94 13.87 5.75
CA ARG C 28 17.48 13.51 4.38
C ARG C 28 18.73 13.34 3.51
N ILE C 29 18.84 12.18 2.86
CA ILE C 29 19.96 11.80 1.96
C ILE C 29 19.40 11.80 0.54
N SER C 30 20.02 12.51 -0.38
CA SER C 30 19.56 12.57 -1.80
C SER C 30 20.71 12.93 -2.74
N ASN C 31 20.49 12.72 -4.04
CA ASN C 31 21.43 13.15 -5.12
C ASN C 31 22.84 12.63 -4.82
N CYS C 32 22.97 11.32 -4.59
CA CYS C 32 24.25 10.72 -4.20
C CYS C 32 24.27 9.21 -4.44
N VAL C 33 25.48 8.66 -4.45
CA VAL C 33 25.75 7.19 -4.60
C VAL C 33 26.07 6.63 -3.22
N ALA C 34 25.41 5.54 -2.84
CA ALA C 34 25.55 4.85 -1.54
C ALA C 34 26.02 3.42 -1.77
N ASP C 35 27.11 2.99 -1.13
CA ASP C 35 27.51 1.56 -1.09
C ASP C 35 26.94 0.94 0.20
N TYR C 36 25.70 0.46 0.14
CA TYR C 36 24.97 -0.18 1.27
C TYR C 36 25.65 -1.48 1.67
N SER C 37 26.23 -2.20 0.71
CA SER C 37 26.86 -3.53 0.95
C SER C 37 27.99 -3.40 1.97
N VAL C 38 28.74 -2.31 1.92
CA VAL C 38 29.89 -2.05 2.85
C VAL C 38 29.33 -1.84 4.27
N LEU C 39 28.18 -1.15 4.43
CA LEU C 39 27.50 -1.03 5.75
C LEU C 39 27.01 -2.42 6.17
N TYR C 40 26.32 -3.11 5.26
CA TYR C 40 25.64 -4.40 5.60
C TYR C 40 26.67 -5.45 6.00
N ASN C 41 27.84 -5.46 5.37
CA ASN C 41 28.88 -6.48 5.60
C ASN C 41 29.88 -6.01 6.66
N SER C 42 29.65 -4.85 7.28
CA SER C 42 30.44 -4.32 8.43
C SER C 42 30.27 -5.25 9.65
N ALA C 43 31.36 -5.50 10.38
CA ALA C 43 31.35 -6.20 11.68
C ALA C 43 30.96 -5.23 12.80
N SER C 44 30.77 -3.94 12.50
CA SER C 44 30.53 -2.86 13.48
C SER C 44 29.14 -2.97 14.13
N PHE C 45 28.18 -3.64 13.48
CA PHE C 45 26.75 -3.55 13.83
C PHE C 45 26.24 -4.85 14.45
N SER C 46 25.58 -4.77 15.60
CA SER C 46 24.99 -5.96 16.27
C SER C 46 23.56 -6.20 15.77
N THR C 47 22.90 -5.17 15.23
CA THR C 47 21.59 -5.27 14.54
C THR C 47 21.72 -4.68 13.14
N PHE C 48 21.27 -5.41 12.12
CA PHE C 48 21.06 -4.87 10.76
C PHE C 48 19.89 -5.65 10.15
N LYS C 49 18.67 -5.16 10.38
CA LYS C 49 17.40 -5.84 10.01
C LYS C 49 16.65 -4.97 9.02
N CYS C 50 16.33 -5.51 7.85
CA CYS C 50 15.62 -4.75 6.79
C CYS C 50 14.20 -5.30 6.66
N TYR C 51 13.30 -4.41 6.28
CA TYR C 51 11.85 -4.64 6.09
C TYR C 51 11.45 -4.10 4.72
N GLY C 52 10.74 -4.89 3.92
CA GLY C 52 10.19 -4.46 2.63
C GLY C 52 11.22 -4.42 1.50
N VAL C 53 12.50 -4.66 1.80
CA VAL C 53 13.62 -4.69 0.82
C VAL C 53 14.66 -5.70 1.33
N SER C 54 15.37 -6.37 0.43
CA SER C 54 16.53 -7.23 0.76
C SER C 54 17.78 -6.36 0.86
N PRO C 55 18.58 -6.48 1.95
CA PRO C 55 19.83 -5.72 2.06
C PRO C 55 20.81 -6.05 0.93
N THR C 56 20.76 -7.26 0.37
CA THR C 56 21.70 -7.71 -0.69
C THR C 56 21.37 -7.04 -2.02
N LYS C 57 20.18 -6.46 -2.17
CA LYS C 57 19.72 -5.82 -3.44
C LYS C 57 19.92 -4.30 -3.41
N LEU C 58 20.21 -3.72 -2.23
CA LEU C 58 20.19 -2.25 -2.05
C LEU C 58 21.15 -1.58 -3.03
N ASN C 59 22.31 -2.17 -3.35
CA ASN C 59 23.28 -1.55 -4.28
C ASN C 59 22.68 -1.49 -5.70
N ASP C 60 21.62 -2.23 -5.98
CA ASP C 60 21.03 -2.32 -7.34
C ASP C 60 19.74 -1.49 -7.44
N LEU C 61 19.42 -0.70 -6.41
CA LEU C 61 18.15 0.06 -6.37
C LEU C 61 18.43 1.57 -6.30
N CYS C 62 17.46 2.35 -6.76
CA CYS C 62 17.46 3.83 -6.71
C CYS C 62 16.20 4.27 -5.95
N PHE C 63 16.34 5.24 -5.06
CA PHE C 63 15.22 5.77 -4.24
C PHE C 63 15.11 7.28 -4.49
N THR C 64 13.92 7.82 -4.23
CA THR C 64 13.66 9.27 -4.39
C THR C 64 14.35 10.01 -3.24
N ASN C 65 14.37 9.42 -2.05
CA ASN C 65 15.11 9.94 -0.87
C ASN C 65 15.43 8.77 0.06
N VAL C 66 16.46 8.93 0.88
CA VAL C 66 16.74 8.05 2.03
C VAL C 66 16.74 8.95 3.27
N TYR C 67 15.91 8.62 4.25
CA TYR C 67 15.89 9.33 5.55
C TYR C 67 16.68 8.48 6.55
N ALA C 68 17.66 9.11 7.18
CA ALA C 68 18.53 8.50 8.21
C ALA C 68 18.15 9.10 9.56
N ASP C 69 17.43 8.33 10.35
CA ASP C 69 16.97 8.70 11.70
C ASP C 69 17.97 8.12 12.70
N SER C 70 18.39 8.88 13.71
CA SER C 70 19.40 8.34 14.65
C SER C 70 19.13 8.84 16.07
N PHE C 71 19.50 8.02 17.04
CA PHE C 71 19.21 8.25 18.47
C PHE C 71 19.86 7.14 19.30
N VAL C 72 19.83 7.30 20.61
CA VAL C 72 20.32 6.32 21.61
C VAL C 72 19.16 5.81 22.45
N ILE C 73 19.14 4.51 22.69
CA ILE C 73 18.19 3.85 23.61
C ILE C 73 18.98 2.76 24.33
N ARG C 74 18.32 2.03 25.21
CA ARG C 74 18.92 0.86 25.93
C ARG C 74 18.99 -0.33 25.01
N GLY C 75 20.00 -1.20 25.21
CA GLY C 75 20.10 -2.47 24.49
C GLY C 75 18.78 -3.24 24.50
N ASP C 76 18.08 -3.27 25.63
CA ASP C 76 16.87 -4.11 25.78
C ASP C 76 15.67 -3.42 25.11
N GLU C 77 15.84 -2.22 24.56
CA GLU C 77 14.76 -1.49 23.84
C GLU C 77 14.94 -1.56 22.32
N VAL C 78 16.09 -2.04 21.83
CA VAL C 78 16.36 -2.05 20.37
C VAL C 78 15.27 -2.90 19.68
N ARG C 79 14.78 -3.94 20.34
CA ARG C 79 13.69 -4.81 19.79
C ARG C 79 12.44 -3.98 19.50
N GLN C 80 12.28 -2.81 20.12
CA GLN C 80 11.08 -1.95 19.89
C GLN C 80 11.22 -1.17 18.59
N ILE C 81 12.41 -1.08 18.00
CA ILE C 81 12.62 -0.34 16.73
C ILE C 81 12.35 -1.32 15.58
N ALA C 82 11.09 -1.68 15.41
CA ALA C 82 10.62 -2.64 14.38
C ALA C 82 9.13 -2.37 14.16
N PRO C 83 8.58 -2.67 12.97
CA PRO C 83 7.15 -2.58 12.76
C PRO C 83 6.38 -3.42 13.77
N GLY C 84 5.24 -2.91 14.24
CA GLY C 84 4.24 -3.68 15.02
C GLY C 84 4.62 -3.82 16.48
N GLN C 85 5.64 -3.12 16.98
CA GLN C 85 6.10 -3.27 18.38
C GLN C 85 5.35 -2.30 19.29
N THR C 86 5.38 -2.61 20.59
CA THR C 86 4.78 -1.81 21.67
C THR C 86 5.82 -1.64 22.78
N GLY C 87 5.60 -0.69 23.70
CA GLY C 87 6.54 -0.33 24.78
C GLY C 87 6.79 1.16 24.78
N LYS C 88 7.51 1.66 25.80
CA LYS C 88 7.65 3.12 25.99
C LYS C 88 8.32 3.73 24.75
N ILE C 89 9.27 3.05 24.12
CA ILE C 89 10.00 3.65 22.96
C ILE C 89 9.10 3.64 21.72
N ALA C 90 8.54 2.50 21.36
CA ALA C 90 7.65 2.40 20.18
C ALA C 90 6.43 3.31 20.35
N ASP C 91 5.86 3.37 21.54
CA ASP C 91 4.56 4.05 21.79
C ASP C 91 4.80 5.56 21.91
N TYR C 92 5.85 5.99 22.61
CA TYR C 92 5.96 7.42 23.04
C TYR C 92 7.18 8.14 22.46
N ASN C 93 8.09 7.46 21.76
CA ASN C 93 9.38 8.10 21.35
C ASN C 93 9.63 8.00 19.84
N TYR C 94 9.62 6.79 19.29
CA TYR C 94 9.93 6.54 17.86
C TYR C 94 9.17 5.32 17.37
N LYS C 95 8.29 5.55 16.41
CA LYS C 95 7.31 4.54 15.94
C LYS C 95 7.53 4.26 14.45
N LEU C 96 7.81 3.01 14.10
CA LEU C 96 7.87 2.57 12.69
C LEU C 96 6.47 2.17 12.23
N PRO C 97 6.13 2.40 10.95
CA PRO C 97 4.86 1.96 10.39
C PRO C 97 4.83 0.45 10.11
N ASP C 98 3.64 -0.12 10.01
CA ASP C 98 3.45 -1.54 9.64
C ASP C 98 4.07 -1.81 8.27
N ASP C 99 3.97 -0.86 7.32
CA ASP C 99 4.38 -1.02 5.90
C ASP C 99 5.80 -0.49 5.68
N PHE C 100 6.62 -0.46 6.73
CA PHE C 100 7.98 0.13 6.73
C PHE C 100 8.81 -0.47 5.60
N THR C 101 9.47 0.40 4.81
CA THR C 101 10.52 0.01 3.83
C THR C 101 11.85 0.64 4.28
N GLY C 102 12.76 -0.16 4.81
CA GLY C 102 14.00 0.37 5.40
C GLY C 102 14.72 -0.64 6.25
N CYS C 103 15.80 -0.19 6.88
CA CYS C 103 16.71 -1.04 7.68
C CYS C 103 16.92 -0.36 9.03
N VAL C 104 16.96 -1.16 10.08
CA VAL C 104 17.26 -0.74 11.47
C VAL C 104 18.65 -1.26 11.79
N ILE C 105 19.54 -0.34 12.13
CA ILE C 105 20.98 -0.64 12.33
C ILE C 105 21.32 -0.19 13.75
N ALA C 106 21.92 -1.05 14.54
CA ALA C 106 22.25 -0.68 15.94
C ALA C 106 23.60 -1.26 16.34
N TRP C 107 24.26 -0.59 17.28
CA TRP C 107 25.54 -1.08 17.85
C TRP C 107 25.68 -0.56 19.28
N ASN C 108 26.35 -1.37 20.08
CA ASN C 108 26.63 -1.06 21.51
C ASN C 108 27.52 0.19 21.54
N SER C 109 27.11 1.21 22.30
CA SER C 109 27.87 2.48 22.40
C SER C 109 28.30 2.75 23.85
N ASN C 110 28.43 1.71 24.67
CA ASN C 110 28.76 1.85 26.12
C ASN C 110 30.07 2.64 26.28
N ASN C 111 31.01 2.48 25.37
CA ASN C 111 32.37 3.10 25.50
C ASN C 111 32.25 4.61 25.26
N LEU C 112 31.28 5.05 24.43
CA LEU C 112 31.08 6.47 24.08
C LEU C 112 30.04 7.13 25.00
N ASP C 113 28.96 6.44 25.34
CA ASP C 113 27.72 7.09 25.82
C ASP C 113 27.45 6.86 27.31
N SER C 114 28.28 6.05 27.98
N SER C 114 28.28 6.06 27.98
CA SER C 114 28.29 5.97 29.45
CA SER C 114 28.31 5.94 29.46
C SER C 114 29.56 6.62 29.98
C SER C 114 29.55 6.66 29.97
N LYS C 115 29.55 7.06 31.24
CA LYS C 115 30.76 7.66 31.86
C LYS C 115 30.67 7.42 33.36
N VAL C 116 31.80 7.54 34.03
CA VAL C 116 31.91 7.42 35.51
C VAL C 116 30.99 8.49 36.12
N GLY C 117 30.12 8.09 37.05
CA GLY C 117 29.10 8.97 37.65
C GLY C 117 27.82 8.97 36.85
N GLY C 118 27.82 8.33 35.67
CA GLY C 118 26.64 8.17 34.80
C GLY C 118 26.55 9.26 33.77
N ASN C 119 26.09 8.93 32.57
CA ASN C 119 25.77 9.92 31.52
C ASN C 119 24.28 10.18 31.55
N TYR C 120 23.86 11.37 32.00
CA TYR C 120 22.44 11.73 32.19
C TYR C 120 21.91 12.54 30.99
N ASN C 121 22.75 12.75 29.97
CA ASN C 121 22.40 13.59 28.79
C ASN C 121 21.28 12.98 27.95
N TYR C 122 21.17 11.64 27.84
CA TYR C 122 20.19 10.94 26.98
C TYR C 122 18.87 10.80 27.73
N LEU C 123 17.80 11.28 27.11
CA LEU C 123 16.43 11.30 27.68
C LEU C 123 15.48 10.44 26.83
N TYR C 124 14.39 10.06 27.45
CA TYR C 124 13.27 9.36 26.78
C TYR C 124 11.98 9.94 27.34
N ARG C 125 10.90 9.84 26.57
CA ARG C 125 9.54 10.19 27.05
C ARG C 125 8.95 8.96 27.71
N LEU C 126 8.51 9.11 28.97
CA LEU C 126 7.93 8.00 29.77
C LEU C 126 6.39 8.07 29.76
N PHE C 127 5.81 9.25 29.56
CA PHE C 127 4.35 9.47 29.67
C PHE C 127 3.82 10.20 28.44
N ARG C 128 2.66 9.77 27.93
CA ARG C 128 1.95 10.45 26.83
C ARG C 128 0.49 10.02 26.87
N LYS C 129 -0.43 10.90 26.48
CA LYS C 129 -1.88 10.61 26.52
C LYS C 129 -2.27 9.63 25.40
N SER C 130 -1.46 9.50 24.37
CA SER C 130 -1.74 8.64 23.19
C SER C 130 -0.42 8.22 22.55
N ASN C 131 -0.46 7.17 21.74
CA ASN C 131 0.75 6.64 21.04
C ASN C 131 1.08 7.58 19.88
N LEU C 132 2.36 7.70 19.57
CA LEU C 132 2.85 8.39 18.35
C LEU C 132 2.28 7.70 17.11
N LYS C 133 2.03 8.49 16.07
CA LYS C 133 1.87 8.01 14.68
C LYS C 133 3.26 7.64 14.17
N PRO C 134 3.35 6.76 13.14
CA PRO C 134 4.64 6.42 12.56
C PRO C 134 5.41 7.69 12.14
N PHE C 135 6.69 7.75 12.53
CA PHE C 135 7.64 8.84 12.17
C PHE C 135 7.19 10.17 12.76
N GLU C 136 6.30 10.16 13.76
CA GLU C 136 5.94 11.37 14.54
C GLU C 136 7.08 11.64 15.53
N ARG C 137 7.41 12.91 15.70
CA ARG C 137 8.34 13.36 16.76
C ARG C 137 7.56 14.27 17.72
N ASP C 138 7.69 14.00 19.02
CA ASP C 138 7.09 14.85 20.07
C ASP C 138 8.23 15.40 20.93
N ILE C 139 8.47 16.72 20.88
CA ILE C 139 9.51 17.35 21.74
C ILE C 139 8.86 18.29 22.77
N SER C 140 7.54 18.18 22.97
CA SER C 140 6.79 18.98 23.97
C SER C 140 7.15 18.51 25.39
N THR C 141 6.94 19.37 26.38
CA THR C 141 7.24 19.10 27.81
C THR C 141 6.08 19.59 28.66
N GLU C 142 4.85 19.31 28.24
CA GLU C 142 3.60 19.56 28.98
C GLU C 142 3.61 18.64 30.21
N ILE C 143 3.19 19.15 31.36
CA ILE C 143 3.08 18.29 32.57
C ILE C 143 1.98 17.26 32.30
N TYR C 144 2.30 15.99 32.52
CA TYR C 144 1.40 14.85 32.28
C TYR C 144 0.54 14.59 33.52
N GLN C 145 -0.77 14.64 33.33
CA GLN C 145 -1.74 14.46 34.44
C GLN C 145 -1.96 12.96 34.64
N ALA C 146 -1.51 12.43 35.78
CA ALA C 146 -1.64 10.99 36.12
C ALA C 146 -2.85 10.70 37.02
N GLY C 147 -3.47 11.72 37.62
CA GLY C 147 -4.67 11.56 38.45
C GLY C 147 -5.86 12.32 37.89
N SER C 148 -6.82 12.66 38.74
CA SER C 148 -8.09 13.30 38.33
C SER C 148 -8.10 14.75 38.81
N THR C 149 -6.94 15.29 39.16
CA THR C 149 -6.74 16.72 39.53
CA THR C 149 -6.78 16.73 39.51
C THR C 149 -5.95 17.41 38.43
N PRO C 150 -6.39 18.57 37.91
CA PRO C 150 -5.59 19.30 36.93
C PRO C 150 -4.21 19.66 37.52
N CYS C 151 -3.19 19.62 36.67
CA CYS C 151 -1.81 20.00 37.05
C CYS C 151 -1.60 21.51 36.91
N ASN C 152 -2.29 22.17 36.00
CA ASN C 152 -2.18 23.63 35.76
C ASN C 152 -0.70 23.96 35.46
N GLY C 153 0.01 23.04 34.82
CA GLY C 153 1.41 23.25 34.39
C GLY C 153 2.40 23.09 35.54
N VAL C 154 1.98 22.59 36.71
CA VAL C 154 2.90 22.46 37.88
C VAL C 154 3.33 20.99 38.06
N GLU C 155 4.63 20.75 37.98
CA GLU C 155 5.22 19.43 38.28
C GLU C 155 5.02 19.14 39.77
N GLY C 156 4.44 17.99 40.09
CA GLY C 156 4.16 17.64 41.49
C GLY C 156 3.50 16.28 41.60
N PHE C 157 2.84 16.04 42.73
CA PHE C 157 2.16 14.76 42.99
C PHE C 157 1.19 14.46 41.84
N ASN C 158 1.37 13.31 41.18
CA ASN C 158 0.54 12.82 40.05
C ASN C 158 0.59 13.79 38.87
N CYS C 159 1.61 14.65 38.79
CA CYS C 159 1.76 15.70 37.76
C CYS C 159 3.21 15.61 37.29
N TYR C 160 3.44 14.81 36.25
CA TYR C 160 4.81 14.36 35.85
C TYR C 160 5.36 15.18 34.70
N PHE C 161 6.60 15.62 34.86
CA PHE C 161 7.40 16.02 33.70
C PHE C 161 7.56 14.77 32.85
N PRO C 162 7.29 14.84 31.53
CA PRO C 162 7.17 13.62 30.75
C PRO C 162 8.48 12.98 30.29
N LEU C 163 9.61 13.67 30.44
CA LEU C 163 10.94 13.16 30.00
C LEU C 163 11.74 12.73 31.21
N GLN C 164 12.48 11.62 31.07
CA GLN C 164 13.41 11.18 32.14
C GLN C 164 14.75 10.83 31.51
N SER C 165 15.79 10.79 32.34
CA SER C 165 17.17 10.47 31.93
C SER C 165 17.43 8.97 32.11
N TYR C 166 18.08 8.35 31.13
CA TYR C 166 18.62 6.98 31.25
C TYR C 166 19.69 6.86 32.36
N GLY C 167 20.48 7.91 32.60
CA GLY C 167 21.61 7.87 33.57
C GLY C 167 22.52 6.67 33.33
N PHE C 168 23.01 6.49 32.09
CA PHE C 168 23.82 5.32 31.69
C PHE C 168 25.10 5.23 32.55
N GLN C 169 25.27 4.10 33.25
CA GLN C 169 26.42 3.77 34.13
C GLN C 169 27.24 2.72 33.40
N PRO C 170 28.60 2.85 33.32
CA PRO C 170 29.40 1.96 32.48
C PRO C 170 29.31 0.50 32.94
N THR C 171 28.91 0.28 34.20
CA THR C 171 28.85 -1.04 34.87
C THR C 171 27.48 -1.69 34.64
N TYR C 172 26.55 -0.99 34.02
CA TYR C 172 25.24 -1.54 33.59
C TYR C 172 25.50 -2.85 32.82
N GLY C 173 24.65 -3.88 32.98
CA GLY C 173 24.60 -5.07 32.08
C GLY C 173 24.17 -4.68 30.66
N VAL C 174 24.40 -5.54 29.67
CA VAL C 174 24.22 -5.21 28.22
C VAL C 174 22.80 -4.66 27.93
N GLY C 175 21.76 -5.22 28.54
CA GLY C 175 20.37 -4.74 28.36
C GLY C 175 20.19 -3.28 28.75
N TYR C 176 20.98 -2.77 29.69
CA TYR C 176 20.82 -1.38 30.20
C TYR C 176 21.81 -0.45 29.50
N GLN C 177 22.78 -0.99 28.76
CA GLN C 177 23.83 -0.17 28.12
C GLN C 177 23.25 0.62 26.95
N PRO C 178 23.83 1.79 26.63
CA PRO C 178 23.37 2.58 25.49
C PRO C 178 23.71 1.89 24.16
N TYR C 179 22.78 1.92 23.23
CA TYR C 179 22.97 1.51 21.82
C TYR C 179 22.68 2.73 20.95
N ARG C 180 23.56 2.96 19.98
CA ARG C 180 23.30 3.92 18.89
C ARG C 180 22.51 3.18 17.81
N VAL C 181 21.48 3.84 17.31
CA VAL C 181 20.52 3.30 16.32
C VAL C 181 20.49 4.26 15.14
N VAL C 182 20.59 3.69 13.94
CA VAL C 182 20.32 4.40 12.66
C VAL C 182 19.20 3.63 11.95
N VAL C 183 18.13 4.33 11.63
CA VAL C 183 17.02 3.77 10.83
C VAL C 183 17.12 4.42 9.45
N LEU C 184 17.32 3.61 8.42
CA LEU C 184 17.26 4.09 7.03
C LEU C 184 15.87 3.81 6.49
N SER C 185 15.14 4.86 6.11
CA SER C 185 13.84 4.79 5.41
C SER C 185 14.09 5.01 3.92
N PHE C 186 13.58 4.12 3.07
CA PHE C 186 13.73 4.23 1.58
C PHE C 186 12.39 4.70 0.98
N GLU C 187 12.42 5.86 0.34
CA GLU C 187 11.22 6.50 -0.24
C GLU C 187 11.16 6.12 -1.72
N LEU C 188 9.98 5.72 -2.21
CA LEU C 188 9.73 5.18 -3.57
C LEU C 188 8.60 5.98 -4.26
N LEU C 189 8.68 7.31 -4.30
CA LEU C 189 7.65 8.14 -4.97
C LEU C 189 7.75 7.88 -6.48
N HIS C 190 6.66 8.11 -7.22
CA HIS C 190 6.65 8.07 -8.70
C HIS C 190 7.30 9.36 -9.22
N ALA C 191 8.63 9.42 -9.10
CA ALA C 191 9.46 10.62 -9.39
C ALA C 191 10.88 10.18 -9.72
N PRO C 192 11.74 11.08 -10.25
CA PRO C 192 13.14 10.72 -10.47
C PRO C 192 13.76 10.23 -9.15
N ALA C 193 14.49 9.13 -9.21
CA ALA C 193 15.14 8.51 -8.03
C ALA C 193 16.64 8.79 -8.11
N THR C 194 17.14 9.63 -7.19
CA THR C 194 18.51 10.22 -7.27
C THR C 194 19.41 9.70 -6.16
N VAL C 195 18.95 8.78 -5.30
CA VAL C 195 19.84 8.03 -4.37
C VAL C 195 19.97 6.60 -4.87
N CYS C 196 21.15 6.23 -5.37
CA CYS C 196 21.39 4.93 -6.05
C CYS C 196 22.63 4.26 -5.45
N GLY C 197 22.72 2.94 -5.66
CA GLY C 197 23.95 2.19 -5.41
C GLY C 197 25.04 2.57 -6.42
N PRO C 198 26.26 1.98 -6.29
CA PRO C 198 27.39 2.32 -7.18
C PRO C 198 27.13 1.99 -8.66
N GLN D 3 0.81 2.48 45.75
CA GLN D 3 1.25 3.88 46.06
C GLN D 3 2.77 3.88 46.13
N VAL D 4 3.41 5.05 46.06
CA VAL D 4 4.89 5.15 46.07
C VAL D 4 5.40 4.59 47.40
N GLN D 5 6.45 3.75 47.35
CA GLN D 5 7.15 3.22 48.54
C GLN D 5 8.64 3.43 48.36
N LEU D 6 9.35 3.70 49.44
CA LEU D 6 10.84 3.76 49.46
C LEU D 6 11.32 2.60 50.33
N VAL D 7 11.93 1.60 49.70
CA VAL D 7 12.39 0.35 50.39
C VAL D 7 13.84 0.57 50.82
N GLU D 8 14.08 0.70 52.12
CA GLU D 8 15.42 1.04 52.67
C GLU D 8 16.08 -0.24 53.20
N SER D 9 17.40 -0.35 53.07
CA SER D 9 18.18 -1.47 53.63
C SER D 9 19.58 -0.98 53.99
N GLY D 10 20.31 -1.76 54.78
CA GLY D 10 21.67 -1.47 55.21
C GLY D 10 21.65 -0.79 56.56
N GLY D 11 22.78 -0.31 57.04
CA GLY D 11 22.80 0.36 58.36
C GLY D 11 22.73 -0.64 59.51
N GLY D 12 22.50 -0.18 60.73
CA GLY D 12 22.68 -1.00 61.94
C GLY D 12 23.86 -0.48 62.75
N SER D 13 24.57 -1.38 63.41
CA SER D 13 25.66 -1.04 64.37
C SER D 13 27.02 -1.19 63.70
N VAL D 14 27.95 -0.28 63.99
CA VAL D 14 29.34 -0.28 63.46
C VAL D 14 30.22 0.49 64.44
N GLN D 15 31.50 0.14 64.54
CA GLN D 15 32.43 0.90 65.43
C GLN D 15 32.92 2.13 64.65
N ALA D 16 33.31 3.18 65.36
CA ALA D 16 33.83 4.44 64.79
C ALA D 16 34.98 4.12 63.82
N GLY D 17 35.01 4.80 62.66
CA GLY D 17 35.97 4.58 61.58
C GLY D 17 35.47 3.57 60.56
N GLY D 18 34.38 2.87 60.88
CA GLY D 18 33.78 1.83 60.02
C GLY D 18 32.95 2.43 58.91
N SER D 19 32.40 1.57 58.04
CA SER D 19 31.59 1.97 56.86
C SER D 19 30.27 1.20 56.86
N LEU D 20 29.25 1.84 56.30
CA LEU D 20 27.94 1.22 55.98
C LEU D 20 27.57 1.69 54.58
N THR D 21 26.79 0.88 53.87
CA THR D 21 26.09 1.30 52.64
C THR D 21 24.60 1.20 52.86
N LEU D 22 23.90 2.34 52.78
CA LEU D 22 22.43 2.38 52.78
C LEU D 22 21.98 2.28 51.33
N SER D 23 20.90 1.56 51.13
CA SER D 23 20.25 1.44 49.80
C SER D 23 18.81 1.90 49.96
N CYS D 24 18.32 2.56 48.94
CA CYS D 24 16.91 2.96 48.84
C CYS D 24 16.42 2.60 47.45
N VAL D 25 15.41 1.74 47.39
CA VAL D 25 14.74 1.38 46.11
C VAL D 25 13.37 2.07 46.09
N ALA D 26 13.13 2.84 45.05
CA ALA D 26 11.84 3.52 44.83
C ALA D 26 10.92 2.54 44.11
N SER D 27 9.66 2.45 44.55
CA SER D 27 8.64 1.71 43.78
C SER D 27 7.42 2.62 43.61
N GLY D 28 6.78 2.51 42.45
CA GLY D 28 5.59 3.30 42.08
C GLY D 28 6.01 4.59 41.40
N VAL D 29 7.32 4.77 41.23
N VAL D 29 7.32 4.78 41.23
CA VAL D 29 7.94 5.88 40.46
CA VAL D 29 7.97 5.92 40.51
C VAL D 29 9.16 5.30 39.77
C VAL D 29 9.24 5.39 39.84
N THR D 30 9.56 5.86 38.62
CA THR D 30 10.77 5.45 37.88
C THR D 30 11.81 6.53 38.09
N LEU D 31 12.98 6.20 38.59
CA LEU D 31 14.06 7.21 38.75
C LEU D 31 14.46 7.72 37.36
N GLY D 32 14.87 8.99 37.27
CA GLY D 32 15.29 9.66 36.04
C GLY D 32 14.69 11.04 35.87
N ARG D 33 13.79 11.46 36.76
CA ARG D 33 13.35 12.88 36.75
C ARG D 33 13.58 13.52 38.13
N HIS D 34 13.26 12.81 39.19
CA HIS D 34 13.10 13.43 40.53
C HIS D 34 14.39 13.46 41.33
N ALA D 35 14.44 14.41 42.25
CA ALA D 35 15.48 14.51 43.30
C ALA D 35 15.21 13.44 44.36
N ILE D 36 16.23 12.69 44.73
CA ILE D 36 16.09 11.64 45.77
C ILE D 36 17.36 11.70 46.62
N GLY D 37 17.20 11.48 47.92
CA GLY D 37 18.35 11.60 48.82
C GLY D 37 18.05 11.09 50.20
N TRP D 38 18.93 11.48 51.12
CA TRP D 38 18.88 11.04 52.53
CA TRP D 38 18.84 11.03 52.53
C TRP D 38 18.77 12.25 53.44
N PHE D 39 17.98 12.09 54.49
CA PHE D 39 17.92 12.98 55.68
C PHE D 39 18.33 12.11 56.86
N ARG D 40 18.64 12.75 57.98
CA ARG D 40 18.92 12.00 59.23
C ARG D 40 18.36 12.79 60.40
N GLN D 41 18.01 12.08 61.47
CA GLN D 41 17.59 12.71 62.73
C GLN D 41 18.39 12.07 63.86
N ALA D 42 19.38 12.80 64.34
CA ALA D 42 20.25 12.41 65.46
C ALA D 42 19.55 12.79 66.76
N PRO D 43 19.85 12.10 67.87
CA PRO D 43 19.26 12.46 69.16
C PRO D 43 19.45 13.96 69.47
N GLY D 44 18.35 14.63 69.83
CA GLY D 44 18.35 16.03 70.27
C GLY D 44 18.58 17.03 69.15
N LYS D 45 18.51 16.59 67.90
CA LYS D 45 18.71 17.46 66.71
C LYS D 45 17.49 17.35 65.80
N GLU D 46 17.18 18.43 65.11
CA GLU D 46 16.12 18.47 64.08
C GLU D 46 16.56 17.56 62.92
N ARG D 47 15.59 16.96 62.23
CA ARG D 47 15.86 16.21 60.98
C ARG D 47 16.60 17.14 60.03
N GLU D 48 17.65 16.65 59.37
CA GLU D 48 18.50 17.49 58.49
C GLU D 48 18.82 16.73 57.20
N ARG D 49 19.05 17.49 56.13
CA ARG D 49 19.57 16.98 54.84
C ARG D 49 20.94 16.34 55.07
N VAL D 50 21.19 15.20 54.44
CA VAL D 50 22.51 14.51 54.42
C VAL D 50 23.09 14.61 53.00
N SER D 51 22.36 14.11 52.02
CA SER D 51 22.84 14.08 50.63
C SER D 51 21.65 13.96 49.69
N CYS D 52 21.79 14.47 48.47
CA CYS D 52 20.72 14.41 47.45
C CYS D 52 21.36 14.24 46.08
N ILE D 53 20.67 13.52 45.21
CA ILE D 53 21.05 13.46 43.77
C ILE D 53 19.82 13.81 42.91
N ARG D 54 20.04 14.64 41.90
CA ARG D 54 19.03 14.93 40.86
C ARG D 54 19.10 13.78 39.86
N THR D 55 18.10 12.89 39.80
CA THR D 55 18.17 11.72 38.88
C THR D 55 17.95 12.16 37.43
N PHE D 56 17.58 13.42 37.18
CA PHE D 56 17.42 13.94 35.79
C PHE D 56 18.79 14.27 35.19
N ASP D 57 19.75 14.72 35.99
CA ASP D 57 21.05 15.19 35.43
C ASP D 57 22.25 14.74 36.25
N GLY D 58 22.06 13.92 37.31
CA GLY D 58 23.17 13.27 38.02
C GLY D 58 23.90 14.18 39.00
N ILE D 59 23.49 15.43 39.15
CA ILE D 59 24.19 16.44 40.00
C ILE D 59 23.87 16.11 41.47
N THR D 60 24.92 15.97 42.28
CA THR D 60 24.84 15.60 43.71
C THR D 60 25.05 16.83 44.59
N SER D 61 24.54 16.74 45.82
CA SER D 61 24.71 17.76 46.88
C SER D 61 24.90 17.06 48.23
N TYR D 62 25.67 17.71 49.10
CA TYR D 62 26.07 17.22 50.44
C TYR D 62 26.00 18.40 51.41
N VAL D 63 25.90 18.11 52.70
CA VAL D 63 26.02 19.15 53.76
C VAL D 63 27.46 19.07 54.30
N GLU D 64 27.92 20.14 54.94
CA GLU D 64 29.33 20.31 55.39
C GLU D 64 29.82 19.07 56.15
N SER D 65 28.97 18.49 57.00
CA SER D 65 29.35 17.38 57.93
C SER D 65 29.45 16.04 57.19
N THR D 66 29.00 15.95 55.93
CA THR D 66 28.93 14.67 55.16
C THR D 66 29.88 14.70 53.96
N LYS D 67 30.20 15.87 53.39
CA LYS D 67 31.17 16.02 52.26
C LYS D 67 32.41 15.16 52.49
N GLY D 68 32.85 14.43 51.45
CA GLY D 68 34.07 13.61 51.45
C GLY D 68 33.82 12.21 51.96
N ARG D 69 33.27 12.09 53.17
CA ARG D 69 33.06 10.80 53.89
C ARG D 69 31.90 10.03 53.26
N PHE D 70 30.83 10.74 52.89
CA PHE D 70 29.62 10.11 52.30
C PHE D 70 29.63 10.36 50.79
N THR D 71 29.19 9.36 50.04
CA THR D 71 29.02 9.44 48.56
CA THR D 71 29.02 9.45 48.56
C THR D 71 27.63 8.91 48.20
N ILE D 72 26.84 9.74 47.52
CA ILE D 72 25.52 9.32 46.98
C ILE D 72 25.68 9.00 45.49
N SER D 73 24.96 8.01 45.01
CA SER D 73 24.97 7.59 43.60
C SER D 73 23.60 7.03 43.25
N SER D 74 23.22 7.14 41.99
CA SER D 74 21.94 6.59 41.46
C SER D 74 22.25 5.55 40.40
N ASN D 75 21.48 4.48 40.39
CA ASN D 75 21.37 3.55 39.24
C ASN D 75 19.94 3.71 38.76
N ASN D 76 19.71 4.60 37.80
CA ASN D 76 18.33 4.92 37.36
C ASN D 76 17.66 3.63 36.88
N ALA D 77 18.37 2.80 36.10
CA ALA D 77 17.84 1.55 35.51
C ALA D 77 17.29 0.62 36.60
N MET D 78 17.92 0.60 37.77
CA MET D 78 17.55 -0.31 38.89
CA MET D 78 17.58 -0.31 38.90
C MET D 78 16.70 0.43 39.92
N ASN D 79 16.41 1.71 39.66
CA ASN D 79 15.53 2.50 40.55
C ASN D 79 16.09 2.58 41.97
N THR D 80 17.42 2.58 42.11
CA THR D 80 18.10 2.43 43.41
C THR D 80 19.08 3.58 43.59
N VAL D 81 19.08 4.15 44.78
CA VAL D 81 20.11 5.14 45.20
CA VAL D 81 20.08 5.16 45.22
C VAL D 81 20.87 4.55 46.38
N TYR D 82 22.13 4.91 46.49
CA TYR D 82 23.06 4.34 47.49
C TYR D 82 23.68 5.49 48.25
N LEU D 83 23.83 5.31 49.56
CA LEU D 83 24.65 6.21 50.39
C LEU D 83 25.80 5.40 50.98
N GLN D 84 27.01 5.62 50.45
CA GLN D 84 28.25 5.03 50.99
C GLN D 84 28.73 5.92 52.15
N MET D 85 28.71 5.37 53.37
CA MET D 85 29.07 6.12 54.60
CA MET D 85 29.04 6.09 54.62
C MET D 85 30.38 5.57 55.14
N ASN D 86 31.46 6.31 54.91
CA ASN D 86 32.84 5.93 55.35
C ASN D 86 33.22 6.77 56.55
N SER D 87 34.17 6.29 57.34
CA SER D 87 34.84 7.07 58.41
C SER D 87 33.76 7.57 59.39
N LEU D 88 32.85 6.68 59.76
CA LEU D 88 31.69 6.99 60.62
C LEU D 88 32.17 7.39 62.01
N LYS D 89 31.45 8.34 62.63
CA LYS D 89 31.74 8.93 63.95
C LYS D 89 30.53 8.67 64.85
N PRO D 90 30.69 8.63 66.19
CA PRO D 90 29.55 8.47 67.09
C PRO D 90 28.44 9.49 66.79
N GLU D 91 28.83 10.72 66.43
CA GLU D 91 27.90 11.85 66.10
C GLU D 91 27.08 11.55 64.84
N ASP D 92 27.44 10.53 64.05
CA ASP D 92 26.67 10.10 62.85
C ASP D 92 25.51 9.18 63.28
N THR D 93 25.45 8.79 64.56
CA THR D 93 24.34 7.98 65.10
C THR D 93 23.03 8.74 64.90
N ALA D 94 22.07 8.13 64.20
CA ALA D 94 20.82 8.78 63.79
C ALA D 94 19.92 7.76 63.10
N VAL D 95 18.65 8.11 62.94
CA VAL D 95 17.76 7.43 61.97
C VAL D 95 18.01 8.12 60.62
N TYR D 96 18.33 7.33 59.61
CA TYR D 96 18.53 7.81 58.22
C TYR D 96 17.27 7.49 57.44
N PHE D 97 16.71 8.49 56.75
CA PHE D 97 15.48 8.40 55.95
C PHE D 97 15.82 8.64 54.48
N CYS D 98 15.43 7.71 53.62
CA CYS D 98 15.34 7.96 52.16
C CYS D 98 14.18 8.91 51.95
N ALA D 99 14.34 9.88 51.05
CA ALA D 99 13.30 10.89 50.77
C ALA D 99 13.32 11.22 49.28
N LEU D 100 12.14 11.23 48.68
CA LEU D 100 11.95 11.42 47.23
C LEU D 100 11.09 12.67 47.03
N GLY D 101 11.55 13.57 46.15
CA GLY D 101 10.79 14.76 45.75
C GLY D 101 9.77 14.41 44.67
N VAL D 102 8.86 15.35 44.41
CA VAL D 102 7.94 15.33 43.24
C VAL D 102 8.42 16.37 42.21
N THR D 103 9.63 16.93 42.39
CA THR D 103 10.28 17.79 41.37
C THR D 103 11.71 17.30 41.10
N ALA D 104 12.38 17.91 40.13
CA ALA D 104 13.77 17.59 39.77
C ALA D 104 14.76 18.22 40.76
N ALA D 105 14.35 19.18 41.58
CA ALA D 105 15.28 20.02 42.37
C ALA D 105 15.54 19.41 43.76
N CYS D 106 16.82 19.21 44.09
CA CYS D 106 17.27 18.74 45.43
C CYS D 106 16.98 19.82 46.47
N SER D 107 16.89 21.08 46.07
CA SER D 107 16.63 22.23 46.96
C SER D 107 15.15 22.26 47.39
N ASP D 108 14.27 21.53 46.71
CA ASP D 108 12.83 21.46 47.10
C ASP D 108 12.65 20.50 48.28
N ASN D 109 11.55 20.65 49.04
CA ASN D 109 11.25 19.78 50.20
C ASN D 109 10.84 18.41 49.66
N PRO D 110 11.27 17.29 50.28
CA PRO D 110 10.84 15.97 49.83
C PRO D 110 9.34 15.77 50.07
N TYR D 111 8.76 14.86 49.31
CA TYR D 111 7.31 14.54 49.35
C TYR D 111 7.11 13.18 50.00
N PHE D 112 7.89 12.18 49.59
CA PHE D 112 7.77 10.78 50.06
C PHE D 112 8.94 10.47 50.99
N TRP D 113 8.64 9.78 52.09
CA TRP D 113 9.64 9.43 53.14
C TRP D 113 9.70 7.93 53.35
N GLY D 114 10.90 7.37 53.50
CA GLY D 114 11.09 6.00 53.99
C GLY D 114 10.77 5.93 55.48
N GLN D 115 10.63 4.73 56.03
CA GLN D 115 10.29 4.48 57.45
C GLN D 115 11.48 4.91 58.32
N GLY D 116 12.69 4.88 57.74
CA GLY D 116 13.93 5.24 58.44
C GLY D 116 14.71 4.02 58.88
N THR D 117 16.04 4.11 58.85
CA THR D 117 16.94 3.00 59.25
CA THR D 117 16.92 3.00 59.27
C THR D 117 17.90 3.52 60.33
N GLN D 118 17.95 2.82 61.46
CA GLN D 118 18.84 3.20 62.58
C GLN D 118 20.27 2.89 62.15
N VAL D 119 21.15 3.87 62.30
CA VAL D 119 22.63 3.72 62.28
C VAL D 119 23.16 4.08 63.67
N THR D 120 23.86 3.16 64.32
CA THR D 120 24.48 3.40 65.65
C THR D 120 25.99 3.19 65.53
N VAL D 121 26.76 4.24 65.73
CA VAL D 121 28.25 4.23 65.68
C VAL D 121 28.80 4.27 67.12
N SER D 122 29.47 3.20 67.56
CA SER D 122 30.06 3.09 68.92
C SER D 122 31.45 3.72 68.95
N SER D 123 31.80 4.34 70.09
CA SER D 123 33.09 5.03 70.32
C SER D 123 34.05 4.12 71.12
C1 NAG E . -6.22 3.37 -10.16
C2 NAG E . -6.57 3.65 -8.70
C3 NAG E . -6.58 5.15 -8.36
C4 NAG E . -5.54 6.00 -9.10
C5 NAG E . -5.34 5.55 -10.54
C6 NAG E . -4.17 6.26 -11.20
C7 NAG E . -8.19 2.28 -7.46
C8 NAG E . -9.63 1.87 -7.33
N2 NAG E . -7.91 3.15 -8.43
O3 NAG E . -6.34 5.28 -6.95
O4 NAG E . -5.99 7.36 -9.11
O5 NAG E . -5.09 4.15 -10.53
O6 NAG E . -2.94 5.72 -10.69
O7 NAG E . -7.33 1.83 -6.71
C1 GOL F . -14.06 -15.45 -48.73
O1 GOL F . -14.19 -14.11 -49.21
C2 GOL F . -15.07 -15.75 -47.64
O2 GOL F . -16.29 -15.07 -47.95
C3 GOL F . -15.34 -17.22 -47.45
O3 GOL F . -14.54 -17.77 -46.41
C1 NAG G . 33.09 5.51 10.32
C2 NAG G . 32.95 5.09 8.86
C3 NAG G . 33.79 3.84 8.61
C4 NAG G . 35.24 4.04 9.07
C5 NAG G . 35.21 4.40 10.54
C6 NAG G . 36.60 4.56 11.15
C7 NAG G . 30.89 5.37 7.54
C8 NAG G . 29.47 4.89 7.35
N2 NAG G . 31.56 4.80 8.54
O3 NAG G . 33.79 3.50 7.22
O4 NAG G . 35.98 2.83 8.86
O5 NAG G . 34.47 5.62 10.66
O6 NAG G . 37.20 5.78 10.72
O7 NAG G . 31.35 6.23 6.81
#